data_6UW1
#
_entry.id   6UW1
#
_cell.length_a   46.065
_cell.length_b   73.843
_cell.length_c   91.699
_cell.angle_alpha   90.000
_cell.angle_beta   94.910
_cell.angle_gamma   90.000
#
_symmetry.space_group_name_H-M   'P 1 21 1'
#
loop_
_entity.id
_entity.type
_entity.pdbx_description
1 polymer 'Phosphoenolpyruvate transferase'
2 non-polymer 1-deoxy-1-(8-hydroxy-2,4-dioxo-3,4-dihydropyrimido[4,5-b]quinolin-10(2H)-yl)-D-ribitol
3 non-polymer 'CALCIUM ION'
4 water water
#
_entity_poly.entity_id   1
_entity_poly.type   'polypeptide(L)'
_entity_poly.pdbx_seq_one_letter_code
;MKITVLVGGVGGARFLLGVQNLLGLGSFADGPSKHELTAVVNIGDDAWMHGVRICPDLDTCMYTLGGGIDPDRGWGHRNE
TWNAKEELAAYGVQPDWFGLGDRDLATHLVRSQMLRAGYPLSQVTEALCKRWQPGARLLPASDERSETHVVITDPTDGER
RAIHFQEWWVRYRAKVPTHSFAYVGADQATAGPGVVEAIGDADIVLLAPSNPVVSIGPILQIPGIRGALRSTSAPVIGYS
PIIAGKPLRGMADECLKVIGVESTSQAVGEFFGARAGTGLLDGWLVHEGDHAQIEGVKVKAVPLLMTDPEATAAMVRAGL
DLAGVSL
;
_entity_poly.pdbx_strand_id   B,A
#
# COMPACT_ATOMS: atom_id res chain seq x y z
N MET A 1 -5.66 -38.84 -8.58
CA MET A 1 -6.79 -38.10 -8.06
C MET A 1 -6.35 -36.93 -7.13
N LYS A 2 -5.85 -37.24 -5.93
CA LYS A 2 -5.52 -36.22 -4.92
C LYS A 2 -4.07 -36.36 -4.48
N ILE A 3 -3.27 -35.34 -4.74
CA ILE A 3 -1.86 -35.31 -4.34
C ILE A 3 -1.60 -34.03 -3.55
N THR A 4 -0.92 -34.17 -2.42
CA THR A 4 -0.59 -33.05 -1.54
C THR A 4 0.92 -32.90 -1.50
N VAL A 5 1.40 -31.65 -1.57
CA VAL A 5 2.83 -31.35 -1.57
C VAL A 5 3.13 -30.23 -0.58
N LEU A 6 4.12 -30.44 0.28
CA LEU A 6 4.67 -29.38 1.13
C LEU A 6 5.74 -28.62 0.37
N VAL A 7 5.66 -27.28 0.37
CA VAL A 7 6.55 -26.47 -0.45
C VAL A 7 7.04 -25.22 0.25
N GLY A 8 8.19 -24.73 -0.23
CA GLY A 8 8.70 -23.42 0.11
C GLY A 8 9.69 -22.99 -0.95
N GLY A 9 9.81 -21.68 -1.13
CA GLY A 9 10.82 -21.14 -2.04
C GLY A 9 10.49 -21.34 -3.52
N VAL A 10 11.49 -21.02 -4.35
CA VAL A 10 11.31 -21.20 -5.78
C VAL A 10 11.31 -22.69 -6.14
N GLY A 11 12.11 -23.49 -5.44
CA GLY A 11 12.12 -24.92 -5.71
C GLY A 11 10.77 -25.57 -5.50
N GLY A 12 10.07 -25.19 -4.43
CA GLY A 12 8.74 -25.73 -4.23
C GLY A 12 7.80 -25.36 -5.36
N ALA A 13 7.87 -24.12 -5.81
CA ALA A 13 7.02 -23.67 -6.91
C ALA A 13 7.38 -24.42 -8.19
N ARG A 14 8.67 -24.61 -8.45
CA ARG A 14 9.05 -25.33 -9.65
C ARG A 14 8.64 -26.79 -9.59
N PHE A 15 8.66 -27.39 -8.39
CA PHE A 15 8.19 -28.75 -8.22
C PHE A 15 6.69 -28.86 -8.52
N LEU A 16 5.90 -27.92 -8.01
CA LEU A 16 4.47 -27.91 -8.32
C LEU A 16 4.22 -27.87 -9.81
N LEU A 17 5.04 -27.12 -10.55
CA LEU A 17 4.89 -27.10 -12.00
C LEU A 17 5.07 -28.51 -12.56
N GLY A 18 6.07 -29.23 -12.05
CA GLY A 18 6.29 -30.59 -12.53
C GLY A 18 5.09 -31.48 -12.27
N VAL A 19 4.48 -31.35 -11.09
CA VAL A 19 3.26 -32.10 -10.81
C VAL A 19 2.18 -31.73 -11.81
N GLN A 20 2.00 -30.42 -12.07
CA GLN A 20 0.94 -29.96 -12.96
C GLN A 20 1.12 -30.50 -14.37
N ASN A 21 2.35 -30.42 -14.88
CA ASN A 21 2.63 -30.94 -16.22
C ASN A 21 2.37 -32.44 -16.27
N LEU A 22 2.67 -33.14 -15.18
CA LEU A 22 2.47 -34.58 -15.16
C LEU A 22 0.99 -34.94 -15.24
N LEU A 23 0.12 -34.17 -14.58
CA LEU A 23 -1.29 -34.49 -14.53
C LEU A 23 -2.17 -33.56 -15.36
N GLY A 24 -1.59 -32.77 -16.25
CA GLY A 24 -2.43 -31.90 -17.04
C GLY A 24 -3.24 -30.93 -16.20
N LEU A 25 -2.61 -30.25 -15.27
CA LEU A 25 -3.27 -29.23 -14.45
C LEU A 25 -2.76 -27.83 -14.80
N GLY A 26 -3.56 -26.83 -14.43
CA GLY A 26 -3.14 -25.45 -14.58
C GLY A 26 -2.85 -25.09 -16.04
N SER A 27 -1.72 -24.39 -16.23
CA SER A 27 -1.30 -24.00 -17.58
C SER A 27 -1.20 -25.19 -18.52
N PHE A 28 -0.91 -26.38 -17.98
CA PHE A 28 -0.76 -27.59 -18.77
C PHE A 28 -2.08 -28.34 -18.92
N ALA A 29 -3.22 -27.68 -18.74
CA ALA A 29 -4.47 -28.40 -18.83
C ALA A 29 -4.74 -28.72 -20.29
N ASP A 30 -4.82 -30.01 -20.60
CA ASP A 30 -5.14 -30.53 -21.93
C ASP A 30 -6.43 -31.34 -21.81
N GLY A 31 -7.57 -30.68 -21.63
CA GLY A 31 -8.81 -31.41 -21.55
C GLY A 31 -9.25 -31.62 -20.10
N PRO A 32 -10.37 -32.30 -19.93
CA PRO A 32 -10.97 -32.42 -18.59
C PRO A 32 -9.95 -32.84 -17.54
N SER A 33 -9.91 -32.08 -16.45
CA SER A 33 -9.03 -32.42 -15.35
C SER A 33 -9.50 -33.70 -14.67
N LYS A 34 -8.54 -34.54 -14.24
CA LYS A 34 -8.92 -35.70 -13.45
C LYS A 34 -8.07 -35.87 -12.20
N HIS A 35 -7.36 -34.82 -11.77
CA HIS A 35 -6.63 -34.84 -10.51
C HIS A 35 -6.72 -33.47 -9.85
N GLU A 36 -6.41 -33.43 -8.56
CA GLU A 36 -6.43 -32.21 -7.77
C GLU A 36 -5.08 -32.06 -7.07
N LEU A 37 -4.45 -30.90 -7.22
CA LEU A 37 -3.16 -30.62 -6.61
C LEU A 37 -3.34 -29.68 -5.43
N THR A 38 -2.86 -30.07 -4.26
CA THR A 38 -2.92 -29.26 -3.06
C THR A 38 -1.50 -29.04 -2.54
N ALA A 39 -1.13 -27.78 -2.35
CA ALA A 39 0.15 -27.39 -1.79
C ALA A 39 -0.07 -26.88 -0.37
N VAL A 40 0.70 -27.40 0.57
CA VAL A 40 0.84 -26.82 1.91
C VAL A 40 2.10 -25.97 1.91
N VAL A 41 1.93 -24.66 2.08
CA VAL A 41 2.94 -23.66 1.78
C VAL A 41 3.46 -23.07 3.09
N ASN A 42 4.78 -23.00 3.22
CA ASN A 42 5.43 -22.34 4.32
C ASN A 42 4.97 -20.89 4.47
N ILE A 43 4.68 -20.51 5.72
CA ILE A 43 4.42 -19.14 6.11
C ILE A 43 5.53 -18.58 6.97
N GLY A 44 6.59 -19.37 7.21
CA GLY A 44 7.65 -18.98 8.14
C GLY A 44 8.42 -17.75 7.72
N ASP A 45 8.42 -17.40 6.43
CA ASP A 45 9.12 -16.21 5.98
C ASP A 45 8.21 -15.01 5.87
N ASP A 46 6.93 -15.14 6.19
CA ASP A 46 6.05 -13.99 6.06
C ASP A 46 6.45 -12.90 7.03
N ALA A 47 6.31 -11.65 6.60
CA ALA A 47 6.69 -10.51 7.43
C ALA A 47 5.85 -9.30 7.06
N TRP A 48 5.59 -8.45 8.06
CA TRP A 48 5.09 -7.11 7.84
C TRP A 48 6.28 -6.24 7.48
N MET A 49 6.19 -5.56 6.35
CA MET A 49 7.25 -4.63 5.94
C MET A 49 6.58 -3.39 5.38
N HIS A 50 6.93 -2.22 5.92
CA HIS A 50 6.35 -0.97 5.47
C HIS A 50 4.84 -0.97 5.60
N GLY A 51 4.32 -1.62 6.62
CA GLY A 51 2.89 -1.64 6.82
C GLY A 51 2.10 -2.56 5.92
N VAL A 52 2.74 -3.38 5.10
CA VAL A 52 2.04 -4.37 4.28
C VAL A 52 2.61 -5.75 4.58
N ARG A 53 1.77 -6.77 4.37
CA ARG A 53 2.09 -8.15 4.70
C ARG A 53 2.67 -8.87 3.50
N ILE A 54 3.90 -9.36 3.65
CA ILE A 54 4.61 -10.07 2.59
C ILE A 54 4.55 -11.57 2.87
N CYS A 55 3.96 -12.34 1.94
CA CYS A 55 3.89 -13.81 2.05
C CYS A 55 4.69 -14.38 0.88
N PRO A 56 6.01 -14.51 1.03
CA PRO A 56 6.86 -14.80 -0.15
C PRO A 56 6.62 -16.16 -0.79
N ASP A 57 6.48 -17.22 0.01
CA ASP A 57 6.30 -18.55 -0.55
C ASP A 57 4.94 -18.72 -1.22
N LEU A 58 3.87 -18.24 -0.58
CA LEU A 58 2.57 -18.26 -1.23
C LEU A 58 2.62 -17.49 -2.54
N ASP A 59 3.20 -16.28 -2.53
CA ASP A 59 3.24 -15.47 -3.74
C ASP A 59 4.06 -16.14 -4.82
N THR A 60 5.23 -16.66 -4.46
CA THR A 60 6.06 -17.34 -5.43
C THR A 60 5.29 -18.47 -6.10
N CYS A 61 4.55 -19.26 -5.32
CA CYS A 61 3.74 -20.32 -5.92
C CYS A 61 2.65 -19.74 -6.80
N MET A 62 1.98 -18.71 -6.31
CA MET A 62 0.88 -18.12 -7.06
C MET A 62 1.37 -17.53 -8.36
N TYR A 63 2.45 -16.75 -8.30
CA TYR A 63 3.04 -16.14 -9.49
C TYR A 63 3.56 -17.20 -10.46
N THR A 64 4.23 -18.21 -9.93
CA THR A 64 4.80 -19.23 -10.81
C THR A 64 3.70 -20.01 -11.54
N LEU A 65 2.72 -20.51 -10.79
CA LEU A 65 1.68 -21.35 -11.41
C LEU A 65 0.79 -20.57 -12.37
N GLY A 66 0.66 -19.25 -12.16
CA GLY A 66 -0.08 -18.29 -12.93
C GLY A 66 0.66 -17.58 -14.04
N GLY A 67 1.93 -17.93 -14.29
CA GLY A 67 2.72 -17.34 -15.35
C GLY A 67 3.19 -15.89 -15.13
N GLY A 68 3.44 -15.49 -13.89
CA GLY A 68 3.89 -14.13 -13.65
C GLY A 68 5.27 -13.98 -13.04
N ILE A 69 5.97 -15.09 -12.77
CA ILE A 69 7.19 -15.06 -11.98
C ILE A 69 8.39 -14.61 -12.81
N ASP A 70 9.33 -13.92 -12.15
CA ASP A 70 10.59 -13.52 -12.79
C ASP A 70 11.48 -14.73 -13.04
N PRO A 71 11.77 -15.07 -14.31
CA PRO A 71 12.54 -16.29 -14.58
C PRO A 71 13.96 -16.26 -14.03
N ASP A 72 14.58 -15.10 -13.89
CA ASP A 72 15.97 -15.01 -13.45
C ASP A 72 16.14 -14.64 -11.99
N ARG A 73 15.11 -14.09 -11.34
CA ARG A 73 15.13 -13.91 -9.91
C ARG A 73 14.44 -15.03 -9.16
N GLY A 74 13.37 -15.60 -9.74
CA GLY A 74 12.59 -16.63 -9.07
C GLY A 74 11.58 -16.09 -8.08
N TRP A 75 11.62 -14.80 -7.79
CA TRP A 75 10.70 -14.14 -6.87
C TRP A 75 10.25 -12.85 -7.55
N GLY A 76 9.03 -12.43 -7.26
CA GLY A 76 8.52 -11.19 -7.81
C GLY A 76 8.11 -11.33 -9.27
N HIS A 77 7.52 -10.25 -9.80
CA HIS A 77 6.93 -10.19 -11.13
C HIS A 77 7.98 -10.09 -12.23
N ARG A 78 7.58 -10.56 -13.42
CA ARG A 78 8.21 -10.19 -14.68
C ARG A 78 8.00 -8.72 -14.95
N ASN A 79 8.96 -8.11 -15.65
CA ASN A 79 8.84 -6.71 -16.08
C ASN A 79 8.56 -5.77 -14.90
N GLU A 80 9.22 -6.03 -13.79
CA GLU A 80 8.99 -5.27 -12.57
C GLU A 80 9.70 -3.93 -12.63
N THR A 81 9.09 -2.92 -12.02
CA THR A 81 9.73 -1.64 -11.79
C THR A 81 9.86 -1.43 -10.29
N TRP A 82 10.71 -0.49 -9.90
CA TRP A 82 11.02 -0.26 -8.50
C TRP A 82 10.93 1.22 -8.15
N ASN A 83 9.91 1.89 -8.69
CA ASN A 83 9.80 3.32 -8.46
C ASN A 83 9.29 3.62 -7.05
N ALA A 84 8.37 2.82 -6.54
CA ALA A 84 7.94 3.00 -5.15
C ALA A 84 9.11 2.78 -4.19
N LYS A 85 9.94 1.77 -4.45
CA LYS A 85 11.09 1.48 -3.61
C LYS A 85 12.10 2.62 -3.66
N GLU A 86 12.29 3.21 -4.85
CA GLU A 86 13.21 4.34 -4.99
C GLU A 86 12.73 5.53 -4.17
N GLU A 87 11.43 5.79 -4.19
CA GLU A 87 10.86 6.92 -3.46
C GLU A 87 10.90 6.68 -1.95
N LEU A 88 10.75 5.43 -1.51
CA LEU A 88 10.94 5.13 -0.10
C LEU A 88 12.36 5.44 0.33
N ALA A 89 13.32 5.12 -0.54
CA ALA A 89 14.72 5.43 -0.27
C ALA A 89 14.92 6.94 -0.17
N ALA A 90 14.31 7.69 -1.10
CA ALA A 90 14.41 9.14 -1.07
C ALA A 90 13.82 9.71 0.22
N TYR A 91 12.81 9.04 0.78
CA TYR A 91 12.32 9.50 2.08
C TYR A 91 13.29 9.13 3.22
N GLY A 92 14.30 8.32 2.95
CA GLY A 92 15.24 7.96 3.98
C GLY A 92 14.69 6.99 5.01
N VAL A 93 13.70 6.22 4.65
CA VAL A 93 13.09 5.35 5.63
C VAL A 93 13.66 3.94 5.49
N GLN A 94 13.58 3.17 6.59
CA GLN A 94 14.06 1.81 6.81
C GLN A 94 12.88 0.87 7.02
N PRO A 95 12.99 -0.40 6.59
CA PRO A 95 14.20 -1.04 6.07
C PRO A 95 14.54 -0.67 4.63
N ASP A 96 15.80 -0.39 4.32
CA ASP A 96 16.18 -0.07 2.94
C ASP A 96 16.71 -1.27 2.15
N TRP A 97 16.77 -2.47 2.76
CA TRP A 97 17.42 -3.65 2.18
C TRP A 97 16.45 -4.64 1.57
N PHE A 98 15.16 -4.40 1.66
CA PHE A 98 14.14 -5.31 1.14
C PHE A 98 13.41 -4.68 -0.04
N GLY A 99 13.43 -5.39 -1.18
CA GLY A 99 12.84 -4.88 -2.41
C GLY A 99 11.36 -5.16 -2.60
N LEU A 100 10.57 -4.09 -2.54
CA LEU A 100 9.12 -4.12 -2.76
C LEU A 100 8.85 -3.55 -4.15
N GLY A 101 8.80 -4.41 -5.17
CA GLY A 101 8.51 -3.95 -6.52
C GLY A 101 7.11 -3.37 -6.67
N ASP A 102 6.98 -2.48 -7.64
CA ASP A 102 5.72 -1.79 -7.92
C ASP A 102 4.58 -2.76 -8.22
N ARG A 103 4.77 -3.68 -9.16
CA ARG A 103 3.72 -4.65 -9.45
C ARG A 103 3.43 -5.50 -8.24
N ASP A 104 4.50 -5.99 -7.61
CA ASP A 104 4.36 -6.82 -6.41
C ASP A 104 3.55 -6.14 -5.33
N LEU A 105 3.70 -4.83 -5.21
CA LEU A 105 3.08 -4.09 -4.11
C LEU A 105 1.55 -4.20 -4.16
N ALA A 106 0.98 -4.24 -5.35
CA ALA A 106 -0.47 -4.42 -5.46
C ALA A 106 -0.91 -5.67 -4.73
N THR A 107 -0.16 -6.78 -4.86
CA THR A 107 -0.50 -7.99 -4.11
C THR A 107 -0.50 -7.71 -2.62
N HIS A 108 0.57 -7.09 -2.12
CA HIS A 108 0.68 -6.80 -0.69
C HIS A 108 -0.43 -5.88 -0.23
N LEU A 109 -0.77 -4.88 -1.05
CA LEU A 109 -1.82 -3.93 -0.70
C LEU A 109 -3.17 -4.64 -0.56
N VAL A 110 -3.56 -5.46 -1.55
CA VAL A 110 -4.84 -6.15 -1.44
C VAL A 110 -4.81 -7.10 -0.25
N ARG A 111 -3.73 -7.87 -0.13
CA ARG A 111 -3.62 -8.81 0.99
C ARG A 111 -3.77 -8.07 2.31
N SER A 112 -3.04 -6.97 2.49
CA SER A 112 -3.04 -6.30 3.80
C SER A 112 -4.40 -5.71 4.10
N GLN A 113 -5.05 -5.12 3.10
CA GLN A 113 -6.37 -4.55 3.32
C GLN A 113 -7.38 -5.60 3.77
N MET A 114 -7.32 -6.78 3.16
CA MET A 114 -8.23 -7.86 3.51
C MET A 114 -7.92 -8.41 4.90
N LEU A 115 -6.63 -8.66 5.19
CA LEU A 115 -6.30 -9.20 6.51
C LEU A 115 -6.70 -8.25 7.63
N ARG A 116 -6.50 -6.94 7.43
CA ARG A 116 -6.90 -5.96 8.45
C ARG A 116 -8.40 -5.85 8.58
N ALA A 117 -9.14 -6.20 7.53
CA ALA A 117 -10.60 -6.27 7.61
C ALA A 117 -11.10 -7.61 8.16
N GLY A 118 -10.22 -8.49 8.63
CA GLY A 118 -10.62 -9.72 9.29
C GLY A 118 -10.59 -10.98 8.44
N TYR A 119 -10.27 -10.88 7.16
CA TYR A 119 -10.24 -12.08 6.31
C TYR A 119 -9.03 -12.92 6.69
N PRO A 120 -9.20 -14.21 6.93
CA PRO A 120 -8.04 -15.06 7.22
C PRO A 120 -7.20 -15.26 5.96
N LEU A 121 -5.92 -15.57 6.18
CA LEU A 121 -4.98 -15.64 5.06
C LEU A 121 -5.45 -16.62 4.00
N SER A 122 -5.96 -17.78 4.39
CA SER A 122 -6.47 -18.75 3.42
C SER A 122 -7.48 -18.11 2.47
N GLN A 123 -8.37 -17.28 2.99
CA GLN A 123 -9.37 -16.62 2.15
C GLN A 123 -8.73 -15.55 1.26
N VAL A 124 -7.77 -14.80 1.80
CA VAL A 124 -7.07 -13.82 0.98
C VAL A 124 -6.42 -14.51 -0.21
N THR A 125 -5.74 -15.62 0.06
CA THR A 125 -5.01 -16.34 -0.98
C THR A 125 -5.95 -16.81 -2.09
N GLU A 126 -7.10 -17.39 -1.72
CA GLU A 126 -8.00 -17.84 -2.78
C GLU A 126 -8.59 -16.66 -3.54
N ALA A 127 -8.82 -15.54 -2.84
CA ALA A 127 -9.27 -14.33 -3.51
C ALA A 127 -8.25 -13.87 -4.53
N LEU A 128 -6.98 -13.80 -4.12
CA LEU A 128 -5.92 -13.42 -5.05
C LEU A 128 -5.74 -14.44 -6.16
N CYS A 129 -5.96 -15.72 -5.85
CA CYS A 129 -5.76 -16.77 -6.85
C CYS A 129 -6.85 -16.78 -7.92
N LYS A 130 -7.99 -16.16 -7.66
CA LYS A 130 -9.02 -16.06 -8.68
C LYS A 130 -8.50 -15.32 -9.89
N ARG A 131 -7.65 -14.31 -9.67
CA ARG A 131 -7.01 -13.61 -10.77
C ARG A 131 -5.95 -14.49 -11.44
N TRP A 132 -5.07 -15.12 -10.66
CA TRP A 132 -3.93 -15.85 -11.21
C TRP A 132 -4.31 -17.23 -11.74
N GLN A 133 -5.38 -17.84 -11.19
CA GLN A 133 -5.85 -19.14 -11.64
C GLN A 133 -4.67 -20.15 -11.73
N PRO A 134 -4.06 -20.44 -10.58
CA PRO A 134 -2.85 -21.29 -10.61
C PRO A 134 -3.11 -22.74 -10.96
N GLY A 135 -4.34 -23.24 -10.86
CA GLY A 135 -4.58 -24.65 -11.13
C GLY A 135 -4.15 -25.58 -10.01
N ALA A 136 -4.07 -25.08 -8.79
CA ALA A 136 -3.72 -25.85 -7.60
C ALA A 136 -4.27 -25.08 -6.42
N ARG A 137 -4.56 -25.78 -5.33
CA ARG A 137 -4.97 -25.14 -4.09
C ARG A 137 -3.73 -24.79 -3.29
N LEU A 138 -3.55 -23.51 -2.98
CA LEU A 138 -2.38 -22.99 -2.29
C LEU A 138 -2.81 -22.70 -0.86
N LEU A 139 -2.55 -23.65 0.04
CA LEU A 139 -2.98 -23.57 1.43
C LEU A 139 -1.84 -23.06 2.30
N PRO A 140 -1.97 -21.90 2.93
CA PRO A 140 -0.97 -21.50 3.93
C PRO A 140 -0.95 -22.53 5.05
N ALA A 141 0.28 -22.89 5.50
CA ALA A 141 0.38 -23.88 6.57
C ALA A 141 -0.49 -23.52 7.75
N SER A 142 -0.73 -22.22 7.96
CA SER A 142 -1.60 -21.74 9.02
C SER A 142 -2.10 -20.35 8.64
N ASP A 143 -3.28 -20.01 9.17
CA ASP A 143 -3.77 -18.65 9.10
C ASP A 143 -3.29 -17.81 10.27
N GLU A 144 -2.56 -18.39 11.21
CA GLU A 144 -1.99 -17.63 12.31
C GLU A 144 -0.51 -17.39 12.07
N ARG A 145 0.05 -16.46 12.84
CA ARG A 145 1.45 -16.09 12.68
C ARG A 145 2.37 -17.20 13.18
N SER A 146 3.38 -17.52 12.38
CA SER A 146 4.40 -18.52 12.73
C SER A 146 5.66 -18.15 11.92
N GLU A 147 6.49 -17.32 12.50
CA GLU A 147 7.60 -16.70 11.77
C GLU A 147 8.93 -17.24 12.25
N THR A 148 9.77 -17.63 11.29
CA THR A 148 11.10 -18.15 11.59
C THR A 148 12.01 -17.01 11.97
N HIS A 149 12.62 -17.09 13.16
CA HIS A 149 13.60 -16.09 13.56
C HIS A 149 14.97 -16.73 13.57
N VAL A 150 15.98 -15.88 13.50
CA VAL A 150 17.38 -16.30 13.47
C VAL A 150 18.12 -15.61 14.60
N VAL A 151 18.78 -16.41 15.46
CA VAL A 151 19.61 -15.90 16.54
C VAL A 151 21.05 -15.78 16.04
N ILE A 152 21.54 -14.55 15.97
CA ILE A 152 22.86 -14.20 15.46
C ILE A 152 23.64 -13.48 16.56
N THR A 153 24.94 -13.31 16.33
CA THR A 153 25.74 -12.27 16.99
C THR A 153 25.81 -11.06 16.06
N ASP A 154 25.30 -9.93 16.51
CA ASP A 154 25.25 -8.75 15.64
C ASP A 154 26.66 -8.20 15.44
N PRO A 155 27.09 -7.97 14.19
CA PRO A 155 28.48 -7.52 13.98
C PRO A 155 28.73 -6.07 14.35
N THR A 156 27.68 -5.25 14.52
CA THR A 156 27.89 -3.85 14.88
C THR A 156 28.32 -3.70 16.34
N ASP A 157 27.84 -4.56 17.22
CA ASP A 157 28.15 -4.43 18.64
C ASP A 157 28.53 -5.75 19.30
N GLY A 158 28.57 -6.86 18.55
CA GLY A 158 28.92 -8.13 19.14
C GLY A 158 27.89 -8.70 20.08
N GLU A 159 26.66 -8.17 20.06
CA GLU A 159 25.59 -8.61 20.94
C GLU A 159 24.73 -9.66 20.25
N ARG A 160 24.18 -10.57 21.06
CA ARG A 160 23.23 -11.53 20.52
C ARG A 160 21.91 -10.83 20.20
N ARG A 161 21.39 -11.10 19.00
CA ARG A 161 20.13 -10.52 18.57
C ARG A 161 19.41 -11.55 17.71
N ALA A 162 18.09 -11.58 17.84
CA ALA A 162 17.23 -12.33 16.95
C ALA A 162 16.73 -11.40 15.86
N ILE A 163 16.85 -11.86 14.61
CA ILE A 163 16.34 -11.13 13.45
C ILE A 163 15.42 -12.08 12.69
N HIS A 164 14.39 -11.51 12.08
CA HIS A 164 13.52 -12.27 11.19
C HIS A 164 14.33 -12.92 10.08
N PHE A 165 13.89 -14.10 9.64
CA PHE A 165 14.63 -14.81 8.60
C PHE A 165 14.95 -13.92 7.41
N GLN A 166 14.06 -12.97 7.08
CA GLN A 166 14.27 -12.13 5.89
C GLN A 166 15.54 -11.30 6.02
N GLU A 167 15.73 -10.67 7.19
CA GLU A 167 16.91 -9.86 7.41
C GLU A 167 18.17 -10.75 7.41
N TRP A 168 18.10 -11.94 8.01
CA TRP A 168 19.25 -12.83 7.97
C TRP A 168 19.62 -13.18 6.54
N TRP A 169 18.63 -13.61 5.73
CA TRP A 169 18.91 -14.06 4.38
C TRP A 169 19.10 -12.92 3.39
N VAL A 170 18.26 -11.87 3.45
CA VAL A 170 18.30 -10.84 2.40
C VAL A 170 19.30 -9.75 2.74
N ARG A 171 19.44 -9.39 4.01
CA ARG A 171 20.31 -8.29 4.39
C ARG A 171 21.72 -8.77 4.70
N TYR A 172 21.85 -9.87 5.44
CA TYR A 172 23.14 -10.38 5.85
C TYR A 172 23.66 -11.47 4.91
N ARG A 173 22.78 -12.03 4.07
CA ARG A 173 23.14 -13.10 3.15
C ARG A 173 23.59 -14.36 3.89
N ALA A 174 23.14 -14.56 5.14
CA ALA A 174 23.52 -15.74 5.92
C ALA A 174 25.02 -15.74 6.19
N LYS A 175 25.57 -14.54 6.24
CA LYS A 175 27.00 -14.27 6.35
C LYS A 175 27.43 -13.94 7.77
N VAL A 176 26.49 -13.79 8.69
CA VAL A 176 26.76 -13.42 10.08
C VAL A 176 26.91 -14.67 10.94
N PRO A 177 27.67 -14.63 12.05
CA PRO A 177 27.69 -15.79 12.97
C PRO A 177 26.28 -16.10 13.47
N THR A 178 25.81 -17.29 13.16
CA THR A 178 24.42 -17.68 13.37
C THR A 178 24.33 -18.87 14.31
N HIS A 179 23.56 -18.72 15.38
CA HIS A 179 23.56 -19.68 16.49
C HIS A 179 22.39 -20.64 16.49
N SER A 180 21.19 -20.21 16.10
CA SER A 180 20.08 -21.14 16.10
C SER A 180 18.90 -20.52 15.37
N PHE A 181 17.88 -21.33 15.13
CA PHE A 181 16.61 -20.91 14.57
C PHE A 181 15.51 -21.03 15.61
N ALA A 182 14.56 -20.10 15.56
CA ALA A 182 13.42 -20.16 16.44
C ALA A 182 12.16 -20.05 15.59
N TYR A 183 11.16 -20.88 15.89
CA TYR A 183 9.89 -20.84 15.18
C TYR A 183 8.87 -20.21 16.12
N VAL A 184 8.86 -18.87 16.12
CA VAL A 184 8.10 -18.08 17.09
C VAL A 184 6.64 -18.11 16.67
N GLY A 185 5.78 -18.65 17.53
CA GLY A 185 4.37 -18.80 17.24
C GLY A 185 3.94 -20.17 16.74
N ALA A 186 4.88 -21.03 16.31
CA ALA A 186 4.48 -22.32 15.72
C ALA A 186 3.60 -23.12 16.67
N ASP A 187 4.01 -23.24 17.94
CA ASP A 187 3.25 -24.01 18.91
C ASP A 187 1.88 -23.41 19.18
N GLN A 188 1.71 -22.11 18.97
CA GLN A 188 0.44 -21.43 19.16
C GLN A 188 -0.36 -21.28 17.86
N ALA A 189 0.10 -21.88 16.77
CA ALA A 189 -0.56 -21.77 15.47
C ALA A 189 -1.42 -22.99 15.21
N THR A 190 -2.60 -22.75 14.64
CA THR A 190 -3.45 -23.87 14.28
C THR A 190 -3.21 -24.21 12.82
N ALA A 191 -3.36 -25.48 12.48
CA ALA A 191 -3.20 -25.88 11.09
C ALA A 191 -4.24 -25.13 10.25
N GLY A 192 -3.81 -24.59 9.11
CA GLY A 192 -4.70 -23.82 8.28
C GLY A 192 -5.86 -24.66 7.79
N PRO A 193 -6.98 -24.01 7.47
CA PRO A 193 -8.16 -24.75 6.98
C PRO A 193 -7.82 -25.65 5.82
N GLY A 194 -8.29 -26.89 5.89
CA GLY A 194 -8.07 -27.87 4.85
C GLY A 194 -6.72 -28.55 4.88
N VAL A 195 -5.78 -28.09 5.71
CA VAL A 195 -4.41 -28.61 5.63
C VAL A 195 -4.35 -30.03 6.16
N VAL A 196 -4.87 -30.26 7.37
CA VAL A 196 -4.87 -31.61 7.92
C VAL A 196 -5.67 -32.55 7.03
N GLU A 197 -6.81 -32.07 6.54
CA GLU A 197 -7.67 -32.89 5.70
C GLU A 197 -6.98 -33.22 4.37
N ALA A 198 -6.27 -32.25 3.79
CA ALA A 198 -5.55 -32.52 2.56
C ALA A 198 -4.45 -33.55 2.77
N ILE A 199 -3.76 -33.50 3.91
CA ILE A 199 -2.76 -34.53 4.17
C ILE A 199 -3.43 -35.87 4.44
N GLY A 200 -4.61 -35.86 5.08
CA GLY A 200 -5.27 -37.11 5.44
C GLY A 200 -5.93 -37.82 4.26
N ASP A 201 -6.48 -37.06 3.31
CA ASP A 201 -7.22 -37.64 2.20
C ASP A 201 -6.40 -37.78 0.92
N ALA A 202 -5.10 -37.53 0.98
CA ALA A 202 -4.28 -37.63 -0.23
C ALA A 202 -4.04 -39.08 -0.62
N ASP A 203 -3.83 -39.30 -1.91
CA ASP A 203 -3.28 -40.57 -2.36
C ASP A 203 -1.78 -40.63 -2.12
N ILE A 204 -1.12 -39.48 -2.02
CA ILE A 204 0.31 -39.42 -1.75
C ILE A 204 0.63 -38.01 -1.29
N VAL A 205 1.60 -37.91 -0.40
CA VAL A 205 2.10 -36.64 0.11
C VAL A 205 3.55 -36.53 -0.29
N LEU A 206 3.92 -35.43 -0.94
CA LEU A 206 5.28 -35.22 -1.39
C LEU A 206 5.90 -34.04 -0.65
N LEU A 207 7.16 -34.18 -0.23
CA LEU A 207 7.95 -33.05 0.27
C LEU A 207 8.81 -32.50 -0.88
N ALA A 208 8.49 -31.29 -1.31
CA ALA A 208 9.29 -30.67 -2.36
C ALA A 208 10.75 -30.59 -1.91
N PRO A 209 11.71 -30.59 -2.84
CA PRO A 209 13.13 -30.48 -2.49
C PRO A 209 13.55 -29.06 -2.10
N SER A 210 12.73 -28.41 -1.27
CA SER A 210 13.01 -27.08 -0.76
C SER A 210 14.01 -27.14 0.38
N ASN A 211 14.44 -25.97 0.85
CA ASN A 211 15.34 -25.91 2.00
C ASN A 211 14.74 -26.70 3.16
N PRO A 212 15.46 -27.68 3.71
CA PRO A 212 14.86 -28.53 4.75
C PRO A 212 14.63 -27.81 6.06
N VAL A 213 15.51 -26.88 6.44
CA VAL A 213 15.42 -26.26 7.76
C VAL A 213 14.45 -25.09 7.74
N VAL A 214 14.47 -24.27 6.69
CA VAL A 214 13.79 -22.99 6.71
C VAL A 214 12.66 -22.87 5.69
N SER A 215 12.38 -23.92 4.92
CA SER A 215 11.20 -23.93 4.06
C SER A 215 10.24 -25.05 4.42
N ILE A 216 10.69 -26.30 4.38
CA ILE A 216 9.85 -27.42 4.82
C ILE A 216 9.78 -27.50 6.34
N GLY A 217 10.94 -27.46 7.00
CA GLY A 217 11.01 -27.59 8.44
C GLY A 217 9.98 -26.78 9.21
N PRO A 218 9.82 -25.49 8.87
CA PRO A 218 8.86 -24.66 9.62
C PRO A 218 7.42 -25.10 9.44
N ILE A 219 7.07 -25.69 8.28
CA ILE A 219 5.76 -26.30 8.16
C ILE A 219 5.58 -27.36 9.24
N LEU A 220 6.62 -28.17 9.45
CA LEU A 220 6.59 -29.33 10.34
C LEU A 220 6.53 -28.93 11.81
N GLN A 221 6.77 -27.65 12.10
CA GLN A 221 6.68 -27.11 13.45
C GLN A 221 5.26 -26.72 13.83
N ILE A 222 4.32 -26.67 12.89
CA ILE A 222 2.91 -26.41 13.22
C ILE A 222 2.37 -27.70 13.82
N PRO A 223 1.89 -27.71 15.06
CA PRO A 223 1.59 -29.00 15.71
C PRO A 223 0.63 -29.88 14.94
N GLY A 224 -0.46 -29.34 14.41
CA GLY A 224 -1.41 -30.18 13.68
C GLY A 224 -0.80 -30.85 12.46
N ILE A 225 0.17 -30.20 11.81
CA ILE A 225 0.62 -30.71 10.52
C ILE A 225 1.50 -31.94 10.68
N ARG A 226 2.41 -31.94 11.65
CA ARG A 226 3.29 -33.09 11.83
C ARG A 226 2.50 -34.35 12.18
N GLY A 227 1.45 -34.19 12.99
CA GLY A 227 0.61 -35.34 13.32
C GLY A 227 -0.16 -35.87 12.14
N ALA A 228 -0.72 -34.98 11.30
CA ALA A 228 -1.40 -35.45 10.11
C ALA A 228 -0.50 -36.34 9.27
N LEU A 229 0.77 -35.95 9.15
CA LEU A 229 1.72 -36.74 8.35
C LEU A 229 1.96 -38.10 8.96
N ARG A 230 2.12 -38.17 10.30
CA ARG A 230 2.34 -39.45 10.95
C ARG A 230 1.11 -40.33 10.88
N SER A 231 -0.08 -39.75 10.86
CA SER A 231 -1.34 -40.50 10.94
C SER A 231 -2.00 -40.77 9.59
N THR A 232 -1.55 -40.16 8.50
CA THR A 232 -2.22 -40.29 7.21
C THR A 232 -1.97 -41.65 6.57
N SER A 233 -2.96 -42.14 5.81
CA SER A 233 -2.81 -43.39 5.06
C SER A 233 -1.86 -43.27 3.86
N ALA A 234 -1.75 -42.08 3.28
CA ALA A 234 -0.95 -41.91 2.06
C ALA A 234 0.53 -42.12 2.34
N PRO A 235 1.28 -42.68 1.39
CA PRO A 235 2.75 -42.68 1.49
C PRO A 235 3.30 -41.26 1.51
N VAL A 236 4.41 -41.07 2.21
CA VAL A 236 5.11 -39.78 2.30
C VAL A 236 6.47 -39.92 1.63
N ILE A 237 6.68 -39.16 0.55
CA ILE A 237 7.91 -39.23 -0.24
C ILE A 237 8.61 -37.88 -0.18
N GLY A 238 9.85 -37.90 0.29
CA GLY A 238 10.68 -36.72 0.31
C GLY A 238 11.72 -36.73 -0.81
N TYR A 239 12.07 -35.52 -1.25
CA TYR A 239 13.09 -35.31 -2.27
C TYR A 239 14.25 -34.58 -1.63
N SER A 240 15.46 -35.10 -1.83
CA SER A 240 16.56 -34.45 -1.12
C SER A 240 16.98 -33.18 -1.86
N PRO A 241 17.22 -32.09 -1.13
CA PRO A 241 17.65 -30.84 -1.78
C PRO A 241 19.16 -30.73 -1.95
N ILE A 242 19.90 -31.76 -1.56
CA ILE A 242 21.36 -31.76 -1.58
C ILE A 242 21.79 -32.40 -2.89
N ILE A 243 22.20 -31.58 -3.86
CA ILE A 243 22.71 -32.07 -5.13
C ILE A 243 24.09 -31.45 -5.35
N ALA A 244 25.13 -32.28 -5.34
CA ALA A 244 26.49 -31.82 -5.58
C ALA A 244 27.33 -33.05 -5.83
N ALA A 252 20.81 -22.90 2.26
CA ALA A 252 20.60 -24.36 2.31
C ALA A 252 21.74 -25.05 3.08
N ASP A 253 22.94 -24.99 2.51
CA ASP A 253 24.11 -25.48 3.24
C ASP A 253 24.32 -24.68 4.52
N GLU A 254 23.98 -23.39 4.50
CA GLU A 254 24.17 -22.54 5.68
C GLU A 254 23.22 -22.91 6.81
N CYS A 255 21.99 -23.32 6.48
CA CYS A 255 21.01 -23.59 7.52
C CYS A 255 21.18 -24.99 8.09
N LEU A 256 21.64 -25.94 7.28
CA LEU A 256 22.02 -27.23 7.86
C LEU A 256 23.13 -27.07 8.88
N LYS A 257 24.13 -26.25 8.57
CA LYS A 257 25.25 -26.04 9.50
C LYS A 257 24.77 -25.52 10.84
N VAL A 258 23.83 -24.56 10.83
CA VAL A 258 23.35 -23.96 12.07
C VAL A 258 22.77 -25.03 12.99
N ILE A 259 21.97 -25.95 12.46
CA ILE A 259 21.38 -26.95 13.34
C ILE A 259 22.30 -28.18 13.40
N GLY A 260 23.51 -28.03 12.87
CA GLY A 260 24.52 -29.08 12.97
C GLY A 260 24.21 -30.39 12.30
N VAL A 261 23.63 -30.38 11.11
CA VAL A 261 23.38 -31.58 10.31
C VAL A 261 24.25 -31.50 9.07
N GLU A 262 24.84 -32.64 8.70
CA GLU A 262 25.70 -32.69 7.52
C GLU A 262 24.90 -32.37 6.26
N SER A 263 25.59 -31.84 5.25
CA SER A 263 24.93 -31.51 4.00
C SER A 263 25.06 -32.69 3.04
N THR A 264 24.38 -33.76 3.41
CA THR A 264 24.32 -34.96 2.59
C THR A 264 22.88 -35.47 2.55
N SER A 265 22.53 -36.09 1.42
CA SER A 265 21.21 -36.68 1.29
C SER A 265 20.92 -37.65 2.43
N GLN A 266 21.97 -38.31 2.95
CA GLN A 266 21.80 -39.19 4.10
C GLN A 266 21.37 -38.42 5.35
N ALA A 267 22.05 -37.32 5.65
CA ALA A 267 21.75 -36.60 6.89
C ALA A 267 20.39 -35.93 6.81
N VAL A 268 20.07 -35.34 5.65
CA VAL A 268 18.76 -34.72 5.49
C VAL A 268 17.66 -35.76 5.54
N GLY A 269 17.91 -36.95 5.01
CA GLY A 269 16.92 -38.01 5.11
C GLY A 269 16.61 -38.37 6.55
N GLU A 270 17.65 -38.49 7.37
CA GLU A 270 17.44 -38.78 8.78
C GLU A 270 16.98 -37.56 9.57
N PHE A 271 17.16 -36.36 9.04
CA PHE A 271 16.58 -35.18 9.67
C PHE A 271 15.05 -35.31 9.69
N PHE A 272 14.46 -35.62 8.53
CA PHE A 272 13.02 -35.87 8.47
C PHE A 272 12.65 -37.19 9.14
N GLY A 273 13.52 -38.19 9.02
CA GLY A 273 13.36 -39.44 9.72
C GLY A 273 12.32 -40.37 9.11
N ALA A 274 12.27 -41.60 9.63
CA ALA A 274 11.46 -42.67 9.09
C ALA A 274 10.14 -42.78 9.85
N ARG A 275 9.05 -42.94 9.11
CA ARG A 275 7.76 -43.20 9.73
C ARG A 275 7.80 -44.47 10.56
N ALA A 276 8.63 -45.43 10.15
CA ALA A 276 8.79 -46.64 10.95
C ALA A 276 9.11 -46.32 12.40
N GLY A 277 9.87 -45.25 12.63
CA GLY A 277 10.23 -44.80 13.97
C GLY A 277 9.44 -43.63 14.49
N THR A 278 10.15 -42.53 14.77
CA THR A 278 9.53 -41.29 15.19
C THR A 278 9.46 -40.27 14.06
N GLY A 279 9.79 -40.69 12.83
CA GLY A 279 9.99 -39.79 11.71
C GLY A 279 8.79 -39.65 10.79
N LEU A 280 9.08 -39.24 9.56
CA LEU A 280 8.06 -38.70 8.67
C LEU A 280 8.00 -39.41 7.32
N LEU A 281 9.12 -39.97 6.88
CA LEU A 281 9.26 -40.41 5.50
C LEU A 281 8.94 -41.89 5.35
N ASP A 282 8.25 -42.23 4.26
CA ASP A 282 8.24 -43.61 3.77
C ASP A 282 9.26 -43.83 2.66
N GLY A 283 9.53 -42.81 1.84
CA GLY A 283 10.53 -42.90 0.81
C GLY A 283 11.33 -41.62 0.72
N TRP A 284 12.50 -41.72 0.10
CA TRP A 284 13.47 -40.62 0.08
C TRP A 284 14.24 -40.70 -1.24
N LEU A 285 13.92 -39.81 -2.18
CA LEU A 285 14.59 -39.83 -3.47
C LEU A 285 15.78 -38.88 -3.46
N VAL A 286 16.92 -39.38 -3.95
CA VAL A 286 18.16 -38.64 -3.98
C VAL A 286 18.65 -38.55 -5.42
N HIS A 287 19.59 -37.63 -5.62
CA HIS A 287 20.13 -37.33 -6.94
C HIS A 287 21.00 -38.44 -7.49
N GLU A 288 21.13 -38.41 -8.81
CA GLU A 288 22.00 -39.30 -9.55
C GLU A 288 23.35 -39.43 -8.87
N GLY A 289 23.80 -40.66 -8.74
CA GLY A 289 25.14 -40.88 -8.22
C GLY A 289 25.30 -40.71 -6.73
N ASP A 290 24.21 -40.53 -6.00
CA ASP A 290 24.22 -40.30 -4.57
C ASP A 290 23.69 -41.54 -3.85
N HIS A 291 24.28 -41.89 -2.72
CA HIS A 291 23.85 -43.07 -1.98
C HIS A 291 23.41 -42.66 -0.58
N ALA A 292 22.25 -43.16 -0.17
CA ALA A 292 21.74 -42.96 1.17
C ALA A 292 20.98 -44.19 1.63
N GLN A 293 21.07 -44.47 2.92
CA GLN A 293 20.48 -45.65 3.52
C GLN A 293 19.84 -45.28 4.85
N ILE A 294 18.53 -45.41 4.95
CA ILE A 294 17.80 -45.15 6.19
C ILE A 294 16.93 -46.34 6.47
N GLU A 295 17.10 -46.96 7.63
CA GLU A 295 16.32 -48.16 7.91
C GLU A 295 14.87 -47.75 8.13
N GLY A 296 13.98 -48.36 7.34
CA GLY A 296 12.57 -48.03 7.30
C GLY A 296 12.18 -47.13 6.15
N VAL A 297 13.15 -46.69 5.33
CA VAL A 297 12.91 -45.70 4.30
C VAL A 297 13.38 -46.28 2.97
N LYS A 298 12.48 -46.34 1.98
CA LYS A 298 12.84 -46.80 0.65
C LYS A 298 13.57 -45.66 -0.06
N VAL A 299 14.84 -45.91 -0.41
CA VAL A 299 15.70 -44.91 -1.01
C VAL A 299 16.05 -45.36 -2.42
N LYS A 300 15.80 -44.48 -3.40
CA LYS A 300 16.19 -44.74 -4.78
C LYS A 300 16.82 -43.48 -5.34
N ALA A 301 17.93 -43.67 -6.07
CA ALA A 301 18.60 -42.56 -6.73
C ALA A 301 17.98 -42.36 -8.10
N VAL A 302 17.58 -41.13 -8.39
CA VAL A 302 16.98 -40.79 -9.68
C VAL A 302 17.47 -39.41 -10.10
N PRO A 303 17.24 -39.01 -11.35
CA PRO A 303 17.55 -37.63 -11.74
C PRO A 303 16.68 -36.71 -10.92
N LEU A 304 17.28 -35.68 -10.33
CA LEU A 304 16.55 -34.77 -9.45
C LEU A 304 16.92 -33.32 -9.71
N LEU A 305 16.92 -32.93 -10.98
CA LEU A 305 17.19 -31.54 -11.35
C LEU A 305 15.99 -30.98 -12.09
N MET A 306 15.47 -29.84 -11.61
CA MET A 306 14.26 -29.24 -12.16
C MET A 306 14.60 -28.30 -13.32
N THR A 307 15.22 -28.92 -14.33
CA THR A 307 15.61 -28.22 -15.55
C THR A 307 14.42 -27.51 -16.19
N ASP A 308 13.28 -28.18 -16.24
CA ASP A 308 12.09 -27.70 -16.92
C ASP A 308 10.91 -28.48 -16.38
N PRO A 309 9.69 -28.00 -16.62
CA PRO A 309 8.52 -28.75 -16.13
C PRO A 309 8.49 -30.20 -16.61
N GLU A 310 9.09 -30.49 -17.77
CA GLU A 310 9.09 -31.87 -18.27
C GLU A 310 10.03 -32.75 -17.45
N ALA A 311 11.22 -32.27 -17.12
CA ALA A 311 12.13 -33.07 -16.30
C ALA A 311 11.58 -33.28 -14.90
N THR A 312 10.96 -32.25 -14.31
CA THR A 312 10.38 -32.36 -12.97
C THR A 312 9.20 -33.34 -12.96
N ALA A 313 8.38 -33.30 -14.00
CA ALA A 313 7.30 -34.28 -14.12
C ALA A 313 7.85 -35.70 -13.97
N ALA A 314 8.98 -35.98 -14.61
CA ALA A 314 9.64 -37.26 -14.39
C ALA A 314 10.02 -37.41 -12.93
N MET A 315 10.55 -36.36 -12.32
CA MET A 315 10.87 -36.42 -10.89
C MET A 315 9.63 -36.77 -10.09
N VAL A 316 8.50 -36.14 -10.41
CA VAL A 316 7.27 -36.45 -9.69
C VAL A 316 6.89 -37.91 -9.92
N ARG A 317 6.99 -38.38 -11.17
CA ARG A 317 6.73 -39.79 -11.45
C ARG A 317 7.64 -40.71 -10.64
N ALA A 318 8.92 -40.33 -10.47
CA ALA A 318 9.80 -41.25 -9.76
C ALA A 318 9.30 -41.46 -8.33
N GLY A 319 8.65 -40.44 -7.75
CA GLY A 319 8.14 -40.60 -6.40
C GLY A 319 6.90 -41.48 -6.34
N LEU A 320 5.97 -41.27 -7.26
CA LEU A 320 4.79 -42.13 -7.33
C LEU A 320 5.18 -43.59 -7.52
N ASP A 321 6.15 -43.86 -8.39
CA ASP A 321 6.57 -45.23 -8.62
C ASP A 321 7.17 -45.83 -7.37
N LEU A 322 7.98 -45.06 -6.63
CA LEU A 322 8.54 -45.62 -5.41
C LEU A 322 7.48 -45.79 -4.33
N ALA A 323 6.50 -44.91 -4.28
CA ALA A 323 5.44 -45.07 -3.31
C ALA A 323 4.52 -46.23 -3.64
N GLY A 324 4.54 -46.70 -4.89
CA GLY A 324 3.60 -47.72 -5.33
C GLY A 324 2.19 -47.18 -5.49
N VAL A 325 2.06 -45.97 -6.04
CA VAL A 325 0.77 -45.32 -6.22
C VAL A 325 0.56 -45.04 -7.71
N SER A 326 -0.67 -45.28 -8.18
CA SER A 326 -1.07 -44.89 -9.54
C SER A 326 -2.28 -43.96 -9.47
N MET B 1 4.46 39.87 9.23
CA MET B 1 5.26 38.86 8.54
C MET B 1 4.60 37.47 8.61
N LYS B 2 3.32 37.44 8.98
CA LYS B 2 2.59 36.20 9.18
C LYS B 2 1.36 36.22 8.29
N ILE B 3 1.30 35.32 7.32
CA ILE B 3 0.17 35.21 6.41
C ILE B 3 -0.34 33.77 6.45
N THR B 4 -1.65 33.64 6.62
CA THR B 4 -2.30 32.34 6.69
C THR B 4 -3.23 32.21 5.49
N VAL B 5 -3.24 31.03 4.86
CA VAL B 5 -4.08 30.79 3.67
C VAL B 5 -4.85 29.49 3.87
N LEU B 6 -6.16 29.56 3.69
CA LEU B 6 -6.99 28.36 3.57
C LEU B 6 -6.92 27.89 2.12
N VAL B 7 -6.62 26.61 1.91
CA VAL B 7 -6.39 26.10 0.57
C VAL B 7 -6.97 24.68 0.40
N GLY B 8 -7.26 24.36 -0.86
CA GLY B 8 -7.60 23.02 -1.29
C GLY B 8 -7.43 22.91 -2.79
N GLY B 9 -7.20 21.70 -3.25
CA GLY B 9 -7.14 21.45 -4.69
C GLY B 9 -5.87 22.00 -5.32
N VAL B 10 -5.83 21.90 -6.64
CA VAL B 10 -4.67 22.37 -7.40
C VAL B 10 -4.57 23.88 -7.35
N GLY B 11 -5.72 24.58 -7.35
CA GLY B 11 -5.69 26.03 -7.25
C GLY B 11 -5.06 26.49 -5.95
N GLY B 12 -5.38 25.81 -4.85
CA GLY B 12 -4.77 26.17 -3.58
C GLY B 12 -3.26 26.07 -3.60
N ALA B 13 -2.72 24.99 -4.17
CA ALA B 13 -1.27 24.86 -4.25
C ALA B 13 -0.65 25.95 -5.12
N ARG B 14 -1.31 26.28 -6.24
CA ARG B 14 -0.79 27.32 -7.14
C ARG B 14 -0.83 28.70 -6.48
N PHE B 15 -1.88 28.96 -5.70
CA PHE B 15 -1.95 30.19 -4.96
C PHE B 15 -0.79 30.28 -3.95
N LEU B 16 -0.51 29.19 -3.22
CA LEU B 16 0.61 29.21 -2.27
C LEU B 16 1.93 29.56 -2.95
N LEU B 17 2.15 29.04 -4.16
CA LEU B 17 3.37 29.40 -4.88
C LEU B 17 3.46 30.90 -5.08
N GLY B 18 2.34 31.53 -5.44
CA GLY B 18 2.37 32.98 -5.63
C GLY B 18 2.73 33.73 -4.35
N VAL B 19 2.16 33.32 -3.22
CA VAL B 19 2.54 33.88 -1.94
C VAL B 19 4.03 33.69 -1.71
N GLN B 20 4.55 32.49 -2.00
CA GLN B 20 5.97 32.24 -1.80
C GLN B 20 6.81 33.12 -2.71
N ASN B 21 6.39 33.27 -3.97
CA ASN B 21 7.13 34.11 -4.92
C ASN B 21 7.17 35.56 -4.46
N LEU B 22 6.07 36.05 -3.89
CA LEU B 22 6.03 37.44 -3.43
C LEU B 22 6.92 37.65 -2.22
N LEU B 23 6.98 36.68 -1.30
CA LEU B 23 7.69 36.87 -0.06
C LEU B 23 9.03 36.18 -0.02
N GLY B 24 9.54 35.72 -1.17
CA GLY B 24 10.82 35.04 -1.20
C GLY B 24 10.90 33.81 -0.32
N LEU B 25 9.89 32.96 -0.36
CA LEU B 25 9.88 31.72 0.42
C LEU B 25 10.07 30.52 -0.50
N GLY B 26 10.50 29.42 0.11
CA GLY B 26 10.61 28.15 -0.60
C GLY B 26 11.55 28.18 -1.79
N SER B 27 11.08 27.63 -2.90
CA SER B 27 11.89 27.60 -4.12
C SER B 27 12.34 29.00 -4.53
N PHE B 28 11.55 30.03 -4.24
CA PHE B 28 11.84 31.41 -4.64
C PHE B 28 12.63 32.17 -3.60
N ALA B 29 13.33 31.48 -2.71
CA ALA B 29 14.12 32.09 -1.67
C ALA B 29 15.45 32.59 -2.23
N ASP B 30 15.86 33.80 -1.83
CA ASP B 30 17.19 34.29 -2.16
C ASP B 30 18.07 34.27 -0.91
N GLY B 31 17.73 35.05 0.11
CA GLY B 31 18.35 34.91 1.40
C GLY B 31 17.23 34.61 2.38
N PRO B 32 17.57 34.31 3.63
CA PRO B 32 16.53 33.93 4.59
C PRO B 32 15.43 34.98 4.62
N SER B 33 14.19 34.52 4.44
CA SER B 33 13.03 35.39 4.47
C SER B 33 12.72 35.86 5.88
N LYS B 34 11.93 36.94 5.96
CA LYS B 34 11.36 37.39 7.22
C LYS B 34 9.84 37.39 7.14
N HIS B 35 9.28 36.46 6.38
CA HIS B 35 7.85 36.18 6.45
C HIS B 35 7.65 34.68 6.60
N GLU B 36 6.48 34.34 7.15
CA GLU B 36 6.11 32.97 7.46
C GLU B 36 4.77 32.69 6.80
N LEU B 37 4.71 31.62 6.01
CA LEU B 37 3.49 31.23 5.32
C LEU B 37 2.91 29.99 6.01
N THR B 38 1.65 30.08 6.40
CA THR B 38 0.95 28.96 7.01
C THR B 38 -0.29 28.66 6.19
N ALA B 39 -0.40 27.40 5.75
CA ALA B 39 -1.56 26.94 5.01
C ALA B 39 -2.42 26.09 5.92
N VAL B 40 -3.72 26.37 5.94
CA VAL B 40 -4.72 25.47 6.51
C VAL B 40 -5.32 24.68 5.36
N VAL B 41 -5.11 23.35 5.38
CA VAL B 41 -5.30 22.50 4.20
C VAL B 41 -6.53 21.64 4.41
N ASN B 42 -7.41 21.64 3.43
CA ASN B 42 -8.57 20.76 3.40
C ASN B 42 -8.18 19.30 3.60
N ILE B 43 -8.92 18.60 4.45
CA ILE B 43 -8.80 17.15 4.58
C ILE B 43 -10.04 16.42 4.09
N GLY B 44 -11.03 17.13 3.54
CA GLY B 44 -12.31 16.55 3.16
C GLY B 44 -12.24 15.50 2.07
N ASP B 45 -11.18 15.51 1.25
CA ASP B 45 -11.01 14.48 0.24
C ASP B 45 -10.12 13.33 0.70
N ASP B 46 -9.62 13.37 1.94
CA ASP B 46 -8.75 12.32 2.46
C ASP B 46 -9.51 11.01 2.55
N ALA B 47 -8.83 9.90 2.30
CA ALA B 47 -9.50 8.61 2.34
C ALA B 47 -8.51 7.48 2.63
N TRP B 48 -9.03 6.42 3.25
CA TRP B 48 -8.37 5.12 3.23
C TRP B 48 -8.74 4.44 1.92
N MET B 49 -7.75 4.06 1.13
CA MET B 49 -7.96 3.36 -0.13
C MET B 49 -6.91 2.28 -0.25
N HIS B 50 -7.33 1.04 -0.50
CA HIS B 50 -6.41 -0.09 -0.62
C HIS B 50 -5.58 -0.24 0.65
N GLY B 51 -6.16 0.07 1.80
CA GLY B 51 -5.47 -0.09 3.06
C GLY B 51 -4.45 0.95 3.43
N VAL B 52 -4.30 2.04 2.66
CA VAL B 52 -3.38 3.12 2.99
C VAL B 52 -4.13 4.45 3.02
N ARG B 53 -3.57 5.42 3.74
CA ARG B 53 -4.25 6.70 3.90
C ARG B 53 -3.77 7.68 2.83
N ILE B 54 -4.71 8.13 1.99
CA ILE B 54 -4.47 9.06 0.88
C ILE B 54 -5.00 10.44 1.29
N CYS B 55 -4.11 11.44 1.26
CA CYS B 55 -4.46 12.83 1.62
C CYS B 55 -4.17 13.74 0.43
N PRO B 56 -5.15 13.97 -0.47
CA PRO B 56 -4.82 14.64 -1.75
C PRO B 56 -4.36 16.09 -1.65
N ASP B 57 -5.04 16.92 -0.89
CA ASP B 57 -4.69 18.34 -0.84
C ASP B 57 -3.35 18.55 -0.14
N LEU B 58 -3.14 17.91 1.02
CA LEU B 58 -1.84 18.04 1.67
C LEU B 58 -0.72 17.60 0.74
N ASP B 59 -0.88 16.48 0.03
CA ASP B 59 0.16 16.02 -0.89
C ASP B 59 0.35 17.00 -2.05
N THR B 60 -0.73 17.50 -2.65
CA THR B 60 -0.59 18.47 -3.75
C THR B 60 0.21 19.69 -3.30
N CYS B 61 -0.11 20.23 -2.12
CA CYS B 61 0.64 21.39 -1.62
C CYS B 61 2.10 21.02 -1.40
N MET B 62 2.36 19.85 -0.78
CA MET B 62 3.72 19.40 -0.48
C MET B 62 4.54 19.13 -1.74
N TYR B 63 3.98 18.40 -2.70
CA TYR B 63 4.70 18.17 -3.96
C TYR B 63 4.91 19.48 -4.72
N THR B 64 3.88 20.32 -4.79
CA THR B 64 3.98 21.54 -5.61
C THR B 64 5.00 22.50 -5.01
N LEU B 65 4.85 22.83 -3.72
CA LEU B 65 5.80 23.75 -3.11
C LEU B 65 7.19 23.14 -3.03
N GLY B 66 7.29 21.80 -3.04
CA GLY B 66 8.55 21.11 -3.05
C GLY B 66 9.14 20.86 -4.42
N GLY B 67 8.49 21.32 -5.48
CA GLY B 67 9.06 21.20 -6.81
C GLY B 67 9.09 19.78 -7.32
N GLY B 68 8.09 18.97 -6.99
CA GLY B 68 8.08 17.57 -7.37
C GLY B 68 7.03 17.24 -8.41
N ILE B 69 6.27 18.23 -8.81
CA ILE B 69 5.21 18.03 -9.78
C ILE B 69 5.79 18.04 -11.19
N ASP B 70 5.22 17.21 -12.07
CA ASP B 70 5.56 17.07 -13.48
C ASP B 70 5.16 18.35 -14.22
N PRO B 71 6.12 19.10 -14.76
CA PRO B 71 5.73 20.38 -15.39
C PRO B 71 4.79 20.23 -16.57
N ASP B 72 4.86 19.12 -17.33
CA ASP B 72 4.10 19.02 -18.57
C ASP B 72 2.76 18.31 -18.41
N ARG B 73 2.58 17.57 -17.33
CA ARG B 73 1.26 17.08 -16.96
C ARG B 73 0.56 17.96 -15.94
N GLY B 74 1.32 18.61 -15.06
CA GLY B 74 0.74 19.47 -14.03
C GLY B 74 0.24 18.75 -12.80
N TRP B 75 0.23 17.42 -12.80
CA TRP B 75 -0.16 16.63 -11.65
C TRP B 75 0.78 15.45 -11.49
N GLY B 76 1.03 15.05 -10.25
CA GLY B 76 1.82 13.86 -10.00
C GLY B 76 3.31 14.06 -10.21
N HIS B 77 4.05 13.00 -9.92
CA HIS B 77 5.50 13.03 -10.00
C HIS B 77 5.99 13.04 -11.45
N ARG B 78 7.20 13.59 -11.65
CA ARG B 78 7.96 13.29 -12.85
C ARG B 78 8.31 11.81 -12.87
N ASN B 79 8.43 11.24 -14.07
CA ASN B 79 8.83 9.85 -14.24
C ASN B 79 7.96 8.91 -13.39
N GLU B 80 6.67 9.22 -13.32
CA GLU B 80 5.73 8.39 -12.58
C GLU B 80 5.29 7.22 -13.45
N THR B 81 5.11 6.07 -12.82
CA THR B 81 4.53 4.90 -13.46
C THR B 81 3.25 4.52 -12.73
N TRP B 82 2.45 3.66 -13.36
CA TRP B 82 1.17 3.24 -12.80
C TRP B 82 1.05 1.73 -12.83
N ASN B 83 2.16 1.06 -12.52
CA ASN B 83 2.19 -0.40 -12.59
C ASN B 83 1.43 -1.03 -11.43
N ALA B 84 1.59 -0.50 -10.22
CA ALA B 84 0.81 -1.05 -9.12
C ALA B 84 -0.68 -0.87 -9.40
N LYS B 85 -1.07 0.27 -9.96
CA LYS B 85 -2.47 0.49 -10.31
C LYS B 85 -2.92 -0.49 -11.38
N GLU B 86 -2.02 -0.83 -12.30
CA GLU B 86 -2.35 -1.80 -13.34
C GLU B 86 -2.66 -3.15 -12.71
N GLU B 87 -1.84 -3.58 -11.75
CA GLU B 87 -2.09 -4.85 -11.06
C GLU B 87 -3.30 -4.76 -10.17
N LEU B 88 -3.54 -3.63 -9.53
CA LEU B 88 -4.75 -3.50 -8.76
C LEU B 88 -5.96 -3.69 -9.67
N ALA B 89 -5.90 -3.14 -10.89
CA ALA B 89 -6.97 -3.33 -11.86
C ALA B 89 -7.13 -4.81 -12.21
N ALA B 90 -6.02 -5.53 -12.46
CA ALA B 90 -6.11 -6.94 -12.78
C ALA B 90 -6.73 -7.74 -11.63
N TYR B 91 -6.49 -7.34 -10.39
CA TYR B 91 -7.13 -7.97 -9.24
C TYR B 91 -8.58 -7.56 -9.08
N GLY B 92 -9.06 -6.62 -9.90
CA GLY B 92 -10.44 -6.20 -9.88
C GLY B 92 -10.86 -5.27 -8.77
N VAL B 93 -9.92 -4.60 -8.10
CA VAL B 93 -10.29 -3.68 -7.02
C VAL B 93 -10.35 -2.26 -7.58
N LEU B 100 -3.18 6.94 -8.18
CA LEU B 100 -2.36 5.97 -7.45
C LEU B 100 -1.06 5.65 -8.19
N GLY B 101 -0.21 6.67 -8.34
CA GLY B 101 1.08 6.47 -8.96
C GLY B 101 2.00 5.64 -8.07
N ASP B 102 2.92 4.92 -8.72
CA ASP B 102 3.90 4.11 -8.01
C ASP B 102 4.69 4.97 -7.02
N ARG B 103 5.24 6.11 -7.48
CA ARG B 103 5.96 7.01 -6.58
C ARG B 103 5.02 7.56 -5.50
N ASP B 104 3.81 7.93 -5.89
CA ASP B 104 2.79 8.36 -4.94
C ASP B 104 2.58 7.32 -3.85
N LEU B 105 2.63 6.03 -4.21
CA LEU B 105 2.29 5.02 -3.21
C LEU B 105 3.29 5.05 -2.07
N ALA B 106 4.56 5.39 -2.36
CA ALA B 106 5.55 5.49 -1.30
C ALA B 106 5.12 6.48 -0.24
N THR B 107 4.60 7.64 -0.66
CA THR B 107 4.07 8.58 0.33
C THR B 107 2.99 7.97 1.20
N HIS B 108 2.05 7.26 0.59
CA HIS B 108 0.97 6.64 1.36
C HIS B 108 1.52 5.58 2.31
N LEU B 109 2.49 4.79 1.86
CA LEU B 109 3.04 3.75 2.70
C LEU B 109 3.68 4.36 3.95
N VAL B 110 4.48 5.41 3.76
CA VAL B 110 5.11 6.08 4.90
C VAL B 110 4.07 6.74 5.79
N ARG B 111 3.11 7.47 5.19
CA ARG B 111 2.10 8.13 5.99
C ARG B 111 1.33 7.13 6.84
N SER B 112 0.88 6.03 6.22
CA SER B 112 0.02 5.09 6.93
C SER B 112 0.75 4.41 8.09
N GLN B 113 2.03 4.09 7.92
CA GLN B 113 2.83 3.50 8.99
C GLN B 113 2.90 4.45 10.17
N MET B 114 3.08 5.74 9.91
CA MET B 114 3.14 6.72 10.99
C MET B 114 1.79 6.85 11.69
N LEU B 115 0.69 6.94 10.93
CA LEU B 115 -0.62 7.08 11.55
C LEU B 115 -0.95 5.84 12.39
N ARG B 116 -0.61 4.65 11.90
CA ARG B 116 -0.89 3.43 12.66
C ARG B 116 0.02 3.29 13.89
N ALA B 117 1.19 3.93 13.88
CA ALA B 117 2.09 3.99 15.03
C ALA B 117 1.76 5.13 16.00
N GLY B 118 0.61 5.81 15.84
CA GLY B 118 0.18 6.81 16.79
C GLY B 118 0.46 8.27 16.43
N TYR B 119 1.18 8.53 15.36
CA TYR B 119 1.46 9.93 15.02
C TYR B 119 0.21 10.59 14.41
N PRO B 120 -0.17 11.77 14.89
CA PRO B 120 -1.27 12.50 14.24
C PRO B 120 -0.87 13.05 12.88
N LEU B 121 -1.89 13.30 12.05
CA LEU B 121 -1.66 13.74 10.68
C LEU B 121 -0.77 14.97 10.63
N SER B 122 -0.98 15.93 11.53
CA SER B 122 -0.12 17.10 11.59
C SER B 122 1.36 16.75 11.68
N GLN B 123 1.71 15.77 12.52
CA GLN B 123 3.10 15.36 12.65
C GLN B 123 3.55 14.48 11.49
N VAL B 124 2.65 13.65 10.95
CA VAL B 124 2.97 12.90 9.74
C VAL B 124 3.38 13.86 8.63
N THR B 125 2.60 14.93 8.47
CA THR B 125 2.87 15.94 7.46
C THR B 125 4.23 16.58 7.69
N GLU B 126 4.57 16.89 8.96
CA GLU B 126 5.87 17.51 9.22
C GLU B 126 7.00 16.56 8.84
N ALA B 127 6.83 15.27 9.15
CA ALA B 127 7.84 14.28 8.78
C ALA B 127 8.01 14.21 7.26
N LEU B 128 6.93 14.14 6.52
CA LEU B 128 7.10 14.07 5.06
C LEU B 128 7.73 15.37 4.53
N CYS B 129 7.47 16.50 5.17
CA CYS B 129 7.99 17.77 4.66
C CYS B 129 9.51 17.88 4.86
N LYS B 130 10.11 17.07 5.72
CA LYS B 130 11.56 17.10 5.85
C LYS B 130 12.22 16.75 4.51
N ARG B 131 11.62 15.83 3.76
CA ARG B 131 12.11 15.50 2.42
C ARG B 131 11.76 16.57 1.38
N TRP B 132 10.50 17.01 1.33
CA TRP B 132 10.05 17.95 0.30
C TRP B 132 10.46 19.38 0.60
N GLN B 133 10.54 19.77 1.86
CA GLN B 133 10.94 21.11 2.27
C GLN B 133 10.14 22.16 1.51
N PRO B 134 8.81 22.19 1.65
CA PRO B 134 8.01 23.09 0.82
C PRO B 134 8.24 24.57 1.13
N GLY B 135 8.82 24.90 2.27
CA GLY B 135 9.00 26.31 2.58
C GLY B 135 7.74 26.97 3.06
N ALA B 136 6.83 26.19 3.62
CA ALA B 136 5.58 26.69 4.19
C ALA B 136 5.14 25.67 5.23
N ARG B 137 4.38 26.14 6.22
CA ARG B 137 3.80 25.30 7.24
C ARG B 137 2.46 24.79 6.74
N LEU B 138 2.34 23.46 6.59
CA LEU B 138 1.15 22.83 6.01
C LEU B 138 0.37 22.14 7.12
N LEU B 139 -0.65 22.84 7.63
CA LEU B 139 -1.42 22.36 8.77
C LEU B 139 -2.67 21.66 8.26
N PRO B 140 -2.88 20.36 8.53
CA PRO B 140 -4.18 19.77 8.22
C PRO B 140 -5.27 20.48 9.01
N ALA B 141 -6.39 20.76 8.34
CA ALA B 141 -7.49 21.46 9.01
C ALA B 141 -7.90 20.74 10.29
N SER B 142 -7.68 19.44 10.37
CA SER B 142 -7.97 18.64 11.55
C SER B 142 -7.09 17.39 11.54
N ASP B 143 -6.80 16.86 12.74
CA ASP B 143 -6.12 15.57 12.84
C ASP B 143 -7.11 14.41 12.94
N GLU B 144 -8.40 14.73 13.00
CA GLU B 144 -9.49 13.76 13.01
C GLU B 144 -10.06 13.61 11.62
N ARG B 145 -10.82 12.55 11.42
CA ARG B 145 -11.42 12.28 10.12
C ARG B 145 -12.59 13.23 9.88
N SER B 146 -12.66 13.81 8.70
CA SER B 146 -13.78 14.68 8.33
C SER B 146 -13.83 14.62 6.80
N GLU B 147 -14.56 13.63 6.28
CA GLU B 147 -14.47 13.30 4.87
C GLU B 147 -15.71 13.77 4.14
N THR B 148 -15.50 14.52 3.07
CA THR B 148 -16.60 15.06 2.30
C THR B 148 -17.26 13.94 1.51
N HIS B 149 -18.56 13.72 1.72
CA HIS B 149 -19.37 12.81 0.91
C HIS B 149 -20.42 13.58 0.14
N VAL B 150 -21.01 12.88 -0.84
CA VAL B 150 -22.11 13.37 -1.67
C VAL B 150 -23.25 12.37 -1.59
N VAL B 151 -24.44 12.86 -1.26
CA VAL B 151 -25.65 12.05 -1.14
C VAL B 151 -26.33 11.97 -2.50
N ILE B 152 -26.47 10.76 -3.05
CA ILE B 152 -27.02 10.51 -4.37
C ILE B 152 -28.30 9.70 -4.21
N THR B 153 -29.05 9.59 -5.31
CA THR B 153 -30.05 8.52 -5.44
C THR B 153 -29.35 7.37 -6.14
N ASP B 154 -29.19 6.27 -5.43
CA ASP B 154 -28.50 5.11 -5.99
C ASP B 154 -29.42 4.41 -7.00
N PRO B 155 -28.96 4.17 -8.23
CA PRO B 155 -29.84 3.57 -9.25
C PRO B 155 -30.08 2.07 -9.10
N THR B 156 -29.33 1.34 -8.26
CA THR B 156 -29.66 -0.07 -8.10
C THR B 156 -30.91 -0.25 -7.27
N ASP B 157 -31.16 0.62 -6.30
CA ASP B 157 -32.33 0.43 -5.46
C ASP B 157 -33.12 1.71 -5.19
N GLY B 158 -32.71 2.85 -5.76
CA GLY B 158 -33.42 4.10 -5.55
C GLY B 158 -33.30 4.72 -4.18
N GLU B 159 -32.31 4.32 -3.38
CA GLU B 159 -32.10 4.81 -2.02
C GLU B 159 -31.08 5.95 -2.00
N ARG B 160 -31.25 6.85 -1.03
CA ARG B 160 -30.22 7.86 -0.80
C ARG B 160 -29.00 7.19 -0.19
N ARG B 161 -27.82 7.51 -0.73
CA ARG B 161 -26.58 6.89 -0.29
C ARG B 161 -25.51 7.96 -0.29
N ALA B 162 -24.67 7.94 0.74
CA ALA B 162 -23.53 8.85 0.79
C ALA B 162 -22.32 8.19 0.15
N ILE B 163 -21.69 8.91 -0.76
CA ILE B 163 -20.52 8.48 -1.51
C ILE B 163 -19.39 9.44 -1.21
N HIS B 164 -18.18 8.91 -1.08
CA HIS B 164 -17.02 9.77 -0.91
C HIS B 164 -16.88 10.67 -2.13
N PHE B 165 -16.52 11.95 -1.88
CA PHE B 165 -16.49 12.92 -2.96
C PHE B 165 -15.64 12.43 -4.12
N GLN B 166 -14.52 11.77 -3.83
CA GLN B 166 -13.65 11.32 -4.91
C GLN B 166 -14.34 10.24 -5.75
N GLU B 167 -15.12 9.35 -5.13
CA GLU B 167 -15.89 8.39 -5.94
C GLU B 167 -17.00 9.09 -6.71
N TRP B 168 -17.72 10.00 -6.04
CA TRP B 168 -18.75 10.75 -6.74
C TRP B 168 -18.18 11.46 -7.96
N TRP B 169 -16.99 12.03 -7.84
CA TRP B 169 -16.46 12.89 -8.90
C TRP B 169 -16.20 12.11 -10.20
N VAL B 170 -15.66 10.90 -10.10
CA VAL B 170 -15.35 10.16 -11.32
C VAL B 170 -16.50 9.26 -11.77
N ARG B 171 -17.26 8.68 -10.84
CA ARG B 171 -18.26 7.67 -11.19
C ARG B 171 -19.68 8.19 -11.27
N TYR B 172 -20.14 8.98 -10.30
CA TYR B 172 -21.55 9.34 -10.27
C TYR B 172 -21.87 10.76 -10.73
N ARG B 173 -20.90 11.67 -10.69
CA ARG B 173 -21.17 13.06 -11.05
C ARG B 173 -21.79 13.15 -12.44
N ALA B 174 -22.91 13.87 -12.53
CA ALA B 174 -23.69 14.11 -13.73
C ALA B 174 -24.35 12.86 -14.25
N LYS B 175 -24.39 11.77 -13.48
CA LYS B 175 -25.00 10.55 -13.95
C LYS B 175 -26.23 10.14 -13.15
N VAL B 176 -26.38 10.62 -11.91
CA VAL B 176 -27.50 10.26 -11.04
C VAL B 176 -27.92 11.50 -10.24
N PRO B 177 -29.16 11.55 -9.75
CA PRO B 177 -29.55 12.68 -8.88
C PRO B 177 -28.64 12.83 -7.66
N THR B 178 -28.20 14.07 -7.44
CA THR B 178 -27.27 14.43 -6.36
C THR B 178 -28.00 15.44 -5.48
N HIS B 179 -28.12 15.14 -4.19
CA HIS B 179 -29.00 15.86 -3.27
C HIS B 179 -28.28 16.80 -2.32
N SER B 180 -27.10 16.44 -1.81
CA SER B 180 -26.44 17.30 -0.83
C SER B 180 -25.04 16.79 -0.58
N PHE B 181 -24.31 17.56 0.22
CA PHE B 181 -23.01 17.18 0.71
C PHE B 181 -23.17 16.84 2.18
N ALA B 182 -22.35 15.92 2.65
CA ALA B 182 -22.28 15.57 4.06
C ALA B 182 -20.81 15.58 4.44
N TYR B 183 -20.51 16.12 5.62
CA TYR B 183 -19.13 16.17 6.10
C TYR B 183 -19.00 15.14 7.23
N VAL B 184 -18.68 13.89 6.84
CA VAL B 184 -18.76 12.74 7.74
C VAL B 184 -17.61 12.78 8.75
N GLY B 185 -17.95 12.92 10.02
CA GLY B 185 -16.98 13.04 11.08
C GLY B 185 -16.74 14.47 11.54
N ALA B 186 -17.23 15.47 10.79
CA ALA B 186 -16.93 16.86 11.06
C ALA B 186 -17.37 17.25 12.46
N ASP B 187 -18.60 16.90 12.82
CA ASP B 187 -19.14 17.31 14.11
C ASP B 187 -18.29 16.81 15.27
N GLN B 188 -17.58 15.69 15.08
CA GLN B 188 -16.73 15.08 16.09
C GLN B 188 -15.26 15.46 15.94
N ALA B 189 -14.93 16.37 15.02
CA ALA B 189 -13.56 16.79 14.76
C ALA B 189 -13.25 18.11 15.48
N THR B 190 -12.01 18.27 15.92
CA THR B 190 -11.49 19.51 16.45
C THR B 190 -10.50 20.16 15.48
N ALA B 191 -10.30 21.47 15.60
CA ALA B 191 -9.33 22.16 14.76
C ALA B 191 -7.93 21.61 15.00
N GLY B 192 -7.17 21.44 13.91
CA GLY B 192 -5.83 20.90 13.97
C GLY B 192 -4.85 21.74 14.78
N PRO B 193 -3.79 21.11 15.31
CA PRO B 193 -2.82 21.86 16.12
C PRO B 193 -2.28 23.07 15.38
N GLY B 194 -2.31 24.23 16.03
CA GLY B 194 -1.81 25.45 15.44
C GLY B 194 -2.76 26.14 14.47
N VAL B 195 -3.90 25.53 14.14
CA VAL B 195 -4.77 26.10 13.11
C VAL B 195 -5.49 27.33 13.66
N VAL B 196 -6.13 27.18 14.82
CA VAL B 196 -6.82 28.29 15.44
C VAL B 196 -5.84 29.43 15.74
N GLU B 197 -4.65 29.09 16.23
CA GLU B 197 -3.64 30.09 16.56
C GLU B 197 -3.09 30.76 15.29
N ALA B 198 -2.89 29.97 14.22
CA ALA B 198 -2.47 30.54 12.94
C ALA B 198 -3.49 31.54 12.41
N ILE B 199 -4.78 31.26 12.58
CA ILE B 199 -5.80 32.21 12.14
C ILE B 199 -5.81 33.43 13.05
N GLY B 200 -5.58 33.23 14.35
CA GLY B 200 -5.66 34.33 15.31
C GLY B 200 -4.49 35.30 15.27
N ASP B 201 -3.28 34.80 14.99
CA ASP B 201 -2.06 35.59 15.06
C ASP B 201 -1.60 36.12 13.71
N ALA B 202 -2.37 35.91 12.65
CA ALA B 202 -1.94 36.30 11.32
C ALA B 202 -2.05 37.80 11.13
N ASP B 203 -1.17 38.35 10.28
CA ASP B 203 -1.41 39.70 9.79
C ASP B 203 -2.49 39.74 8.72
N ILE B 204 -2.76 38.62 8.06
CA ILE B 204 -3.82 38.56 7.06
C ILE B 204 -4.19 37.10 6.84
N VAL B 205 -5.47 36.86 6.57
CA VAL B 205 -5.97 35.54 6.23
C VAL B 205 -6.53 35.61 4.81
N LEU B 206 -6.07 34.70 3.95
CA LEU B 206 -6.49 34.62 2.56
C LEU B 206 -7.21 33.31 2.32
N LEU B 207 -8.36 33.38 1.64
CA LEU B 207 -9.04 32.21 1.09
C LEU B 207 -8.65 32.09 -0.37
N ALA B 208 -7.83 31.09 -0.68
CA ALA B 208 -7.38 30.85 -2.04
C ALA B 208 -8.60 30.63 -2.96
N PRO B 209 -8.46 30.90 -4.27
CA PRO B 209 -9.57 30.68 -5.20
C PRO B 209 -9.84 29.21 -5.51
N SER B 210 -9.92 28.36 -4.49
CA SER B 210 -10.29 26.96 -4.65
C SER B 210 -11.81 26.83 -4.73
N ASN B 211 -12.27 25.64 -5.08
CA ASN B 211 -13.70 25.39 -5.16
C ASN B 211 -14.33 25.73 -3.81
N PRO B 212 -15.33 26.61 -3.77
CA PRO B 212 -15.81 27.07 -2.47
C PRO B 212 -16.52 25.98 -1.67
N VAL B 213 -17.21 25.05 -2.31
CA VAL B 213 -18.03 24.12 -1.55
C VAL B 213 -17.19 22.95 -1.03
N VAL B 214 -16.30 22.40 -1.86
CA VAL B 214 -15.63 21.15 -1.53
C VAL B 214 -14.12 21.30 -1.38
N SER B 215 -13.59 22.51 -1.49
CA SER B 215 -12.18 22.73 -1.21
C SER B 215 -11.98 23.69 -0.04
N ILE B 216 -12.54 24.91 -0.09
CA ILE B 216 -12.52 25.79 1.07
C ILE B 216 -13.59 25.39 2.06
N GLY B 217 -14.81 25.17 1.55
CA GLY B 217 -15.99 24.87 2.33
C GLY B 217 -15.81 23.87 3.46
N PRO B 218 -15.23 22.70 3.17
CA PRO B 218 -15.09 21.67 4.22
C PRO B 218 -14.15 22.08 5.36
N ILE B 219 -13.15 22.92 5.11
CA ILE B 219 -12.35 23.47 6.21
C ILE B 219 -13.28 24.14 7.21
N LEU B 220 -14.28 24.86 6.70
CA LEU B 220 -15.21 25.66 7.49
C LEU B 220 -16.19 24.80 8.29
N GLN B 221 -16.30 23.50 8.00
CA GLN B 221 -17.16 22.62 8.75
C GLN B 221 -16.49 22.06 10.00
N ILE B 222 -15.17 22.23 10.13
CA ILE B 222 -14.41 21.76 11.28
C ILE B 222 -14.68 22.66 12.49
N PRO B 223 -15.20 22.12 13.58
CA PRO B 223 -15.53 22.97 14.73
C PRO B 223 -14.31 23.78 15.17
N GLY B 224 -14.54 25.03 15.50
CA GLY B 224 -13.48 25.93 15.91
C GLY B 224 -12.92 26.80 14.79
N ILE B 225 -12.90 26.30 13.55
CA ILE B 225 -12.23 27.09 12.51
C ILE B 225 -13.08 28.27 12.08
N ARG B 226 -14.39 28.06 11.94
CA ARG B 226 -15.26 29.17 11.58
C ARG B 226 -15.27 30.23 12.67
N GLY B 227 -15.26 29.81 13.93
CA GLY B 227 -15.23 30.76 15.03
C GLY B 227 -13.94 31.54 15.09
N ALA B 228 -12.81 30.89 14.82
CA ALA B 228 -11.56 31.63 14.72
C ALA B 228 -11.61 32.67 13.62
N LEU B 229 -12.23 32.32 12.48
CA LEU B 229 -12.27 33.24 11.34
C LEU B 229 -13.09 34.48 11.66
N ARG B 230 -14.27 34.30 12.25
CA ARG B 230 -15.13 35.42 12.58
C ARG B 230 -14.48 36.36 13.59
N SER B 231 -13.67 35.82 14.49
CA SER B 231 -13.17 36.63 15.58
C SER B 231 -11.76 37.18 15.37
N THR B 232 -11.00 36.71 14.38
CA THR B 232 -9.61 37.14 14.34
C THR B 232 -9.50 38.61 13.98
N SER B 233 -8.50 39.25 14.56
CA SER B 233 -8.20 40.64 14.26
C SER B 233 -7.65 40.80 12.84
N ALA B 234 -7.09 39.75 12.28
CA ALA B 234 -6.54 39.84 10.94
C ALA B 234 -7.65 40.11 9.93
N PRO B 235 -7.41 40.92 8.90
CA PRO B 235 -8.35 40.98 7.76
C PRO B 235 -8.46 39.62 7.08
N VAL B 236 -9.65 39.33 6.56
CA VAL B 236 -9.94 38.09 5.84
C VAL B 236 -10.31 38.46 4.41
N ILE B 237 -9.49 38.06 3.46
CA ILE B 237 -9.66 38.42 2.04
C ILE B 237 -9.88 37.14 1.24
N GLY B 238 -11.00 37.06 0.53
CA GLY B 238 -11.30 35.94 -0.35
C GLY B 238 -11.08 36.25 -1.82
N TYR B 239 -10.76 35.22 -2.60
CA TYR B 239 -10.52 35.33 -4.04
C TYR B 239 -11.58 34.56 -4.82
N SER B 240 -12.13 35.19 -5.83
CA SER B 240 -13.19 34.47 -6.50
C SER B 240 -12.60 33.41 -7.43
N PRO B 241 -13.19 32.22 -7.46
CA PRO B 241 -12.77 31.18 -8.42
C PRO B 241 -13.48 31.25 -9.77
N ILE B 242 -14.37 32.22 -9.96
CA ILE B 242 -15.17 32.32 -11.17
C ILE B 242 -14.42 33.19 -12.17
N ILE B 243 -14.02 32.60 -13.29
CA ILE B 243 -13.30 33.30 -14.34
C ILE B 243 -14.20 33.34 -15.56
N ALA B 244 -14.71 34.53 -15.87
CA ALA B 244 -15.57 34.67 -17.03
C ALA B 244 -14.71 34.86 -18.28
N GLY B 245 -15.36 34.94 -19.45
CA GLY B 245 -14.66 35.09 -20.71
C GLY B 245 -14.24 33.82 -21.41
N LYS B 246 -14.60 32.67 -20.89
CA LYS B 246 -14.15 31.44 -21.50
C LYS B 246 -14.91 31.16 -22.78
N PRO B 247 -14.39 30.28 -23.63
CA PRO B 247 -15.15 29.88 -24.82
C PRO B 247 -16.50 29.32 -24.41
N LEU B 248 -17.53 29.70 -25.16
CA LEU B 248 -18.88 29.23 -24.92
C LEU B 248 -19.42 29.68 -23.57
N ARG B 249 -18.81 30.73 -23.01
CA ARG B 249 -19.11 31.27 -21.68
C ARG B 249 -18.83 30.26 -20.54
N GLY B 250 -17.94 29.29 -20.72
CA GLY B 250 -17.66 28.35 -19.65
C GLY B 250 -18.85 27.48 -19.26
N MET B 251 -18.71 26.79 -18.14
CA MET B 251 -19.80 25.98 -17.61
C MET B 251 -19.92 26.22 -16.11
N ALA B 252 -21.11 25.98 -15.58
CA ALA B 252 -21.33 26.14 -14.15
C ALA B 252 -20.55 25.12 -13.34
N ASP B 253 -20.08 25.55 -12.18
CA ASP B 253 -19.45 24.63 -11.25
C ASP B 253 -20.47 23.60 -10.80
N GLU B 254 -20.11 22.32 -10.96
CA GLU B 254 -21.03 21.24 -10.62
C GLU B 254 -21.26 21.13 -9.13
N CYS B 255 -20.27 21.48 -8.29
CA CYS B 255 -20.48 21.33 -6.84
C CYS B 255 -21.29 22.49 -6.29
N LEU B 256 -21.10 23.70 -6.82
CA LEU B 256 -22.04 24.77 -6.52
C LEU B 256 -23.46 24.39 -6.94
N LYS B 257 -23.59 23.72 -8.09
CA LYS B 257 -24.92 23.29 -8.54
C LYS B 257 -25.62 22.39 -7.51
N VAL B 258 -24.88 21.46 -6.89
CA VAL B 258 -25.50 20.58 -5.89
C VAL B 258 -26.20 21.38 -4.80
N ILE B 259 -25.58 22.47 -4.33
CA ILE B 259 -26.22 23.27 -3.28
C ILE B 259 -27.00 24.43 -3.90
N GLY B 260 -27.24 24.36 -5.21
CA GLY B 260 -28.08 25.35 -5.89
C GLY B 260 -27.55 26.76 -5.83
N VAL B 261 -26.24 26.94 -5.95
CA VAL B 261 -25.64 28.26 -5.94
C VAL B 261 -25.13 28.52 -7.34
N GLU B 262 -25.43 29.72 -7.84
CA GLU B 262 -25.03 30.16 -9.17
C GLU B 262 -23.52 30.32 -9.24
N SER B 263 -22.96 30.09 -10.43
CA SER B 263 -21.53 30.25 -10.62
C SER B 263 -21.24 31.67 -11.07
N THR B 264 -21.38 32.58 -10.10
CA THR B 264 -21.03 33.98 -10.26
C THR B 264 -20.21 34.44 -9.06
N SER B 265 -19.31 35.39 -9.30
CA SER B 265 -18.55 35.99 -8.20
C SER B 265 -19.47 36.58 -7.15
N GLN B 266 -20.63 37.08 -7.55
CA GLN B 266 -21.60 37.60 -6.60
C GLN B 266 -22.13 36.51 -5.66
N ALA B 267 -22.54 35.36 -6.21
CA ALA B 267 -23.12 34.31 -5.38
C ALA B 267 -22.07 33.65 -4.50
N VAL B 268 -20.87 33.42 -5.04
CA VAL B 268 -19.85 32.79 -4.22
C VAL B 268 -19.47 33.71 -3.08
N GLY B 269 -19.43 35.01 -3.36
CA GLY B 269 -19.19 35.99 -2.32
C GLY B 269 -20.25 35.94 -1.24
N GLU B 270 -21.51 35.79 -1.63
CA GLU B 270 -22.56 35.74 -0.62
C GLU B 270 -22.55 34.41 0.11
N PHE B 271 -21.96 33.38 -0.50
CA PHE B 271 -21.81 32.09 0.15
C PHE B 271 -20.89 32.22 1.36
N PHE B 272 -19.71 32.82 1.16
CA PHE B 272 -18.83 33.09 2.28
C PHE B 272 -19.39 34.19 3.17
N GLY B 273 -20.03 35.19 2.56
CA GLY B 273 -20.73 36.21 3.33
C GLY B 273 -19.78 37.20 3.97
N ALA B 274 -20.38 38.22 4.58
CA ALA B 274 -19.64 39.36 5.15
C ALA B 274 -19.43 39.19 6.66
N ARG B 275 -18.21 39.47 7.12
CA ARG B 275 -17.94 39.48 8.55
C ARG B 275 -18.79 40.51 9.28
N ALA B 276 -19.05 41.66 8.65
CA ALA B 276 -19.96 42.63 9.25
C ALA B 276 -21.29 41.97 9.63
N GLY B 277 -21.72 40.96 8.88
CA GLY B 277 -22.93 40.23 9.22
C GLY B 277 -22.65 38.95 9.95
N THR B 278 -23.07 37.81 9.39
CA THR B 278 -22.76 36.49 9.96
C THR B 278 -21.71 35.74 9.14
N GLY B 279 -21.13 36.39 8.14
CA GLY B 279 -20.27 35.74 7.18
C GLY B 279 -18.81 35.91 7.52
N LEU B 280 -17.96 35.82 6.51
CA LEU B 280 -16.55 35.57 6.72
C LEU B 280 -15.62 36.59 6.09
N LEU B 281 -16.07 37.32 5.08
CA LEU B 281 -15.18 38.14 4.30
C LEU B 281 -15.12 39.56 4.84
N ASP B 282 -13.91 40.13 4.86
CA ASP B 282 -13.74 41.57 4.87
C ASP B 282 -13.52 42.11 3.47
N GLY B 283 -12.87 41.34 2.60
CA GLY B 283 -12.69 41.73 1.22
C GLY B 283 -12.89 40.53 0.31
N TRP B 284 -13.15 40.84 -0.97
CA TRP B 284 -13.51 39.83 -1.96
C TRP B 284 -13.00 40.30 -3.30
N LEU B 285 -11.96 39.66 -3.80
CA LEU B 285 -11.38 40.01 -5.09
C LEU B 285 -12.03 39.21 -6.21
N VAL B 286 -12.41 39.89 -7.30
CA VAL B 286 -12.99 39.24 -8.46
C VAL B 286 -12.13 39.58 -9.67
N HIS B 287 -12.24 38.75 -10.69
CA HIS B 287 -11.43 38.92 -11.89
C HIS B 287 -11.87 40.18 -12.64
N GLU B 288 -10.93 40.82 -13.35
CA GLU B 288 -11.24 42.02 -14.12
C GLU B 288 -12.43 41.81 -15.07
N GLY B 289 -13.28 42.81 -15.11
CA GLY B 289 -14.50 42.80 -15.90
C GLY B 289 -15.67 42.19 -15.17
N ASP B 290 -15.46 41.74 -13.93
CA ASP B 290 -16.47 41.10 -13.10
C ASP B 290 -16.91 42.01 -11.95
N HIS B 291 -18.16 41.87 -11.54
CA HIS B 291 -18.74 42.70 -10.50
C HIS B 291 -19.34 41.87 -9.36
N ALA B 292 -19.19 42.37 -8.13
CA ALA B 292 -19.97 41.88 -7.01
C ALA B 292 -20.19 43.06 -6.06
N GLN B 293 -21.35 43.07 -5.40
CA GLN B 293 -21.65 44.08 -4.40
C GLN B 293 -22.31 43.34 -3.25
N ILE B 294 -21.62 43.32 -2.10
CA ILE B 294 -22.11 42.65 -0.90
C ILE B 294 -21.98 43.62 0.26
N GLU B 295 -23.07 43.79 1.01
CA GLU B 295 -23.09 44.82 2.05
C GLU B 295 -22.09 44.47 3.16
N GLY B 296 -21.16 45.40 3.41
CA GLY B 296 -20.10 45.23 4.39
C GLY B 296 -18.77 44.75 3.84
N VAL B 297 -18.68 44.45 2.55
CA VAL B 297 -17.56 43.75 1.96
C VAL B 297 -16.92 44.64 0.90
N LYS B 298 -15.61 44.85 1.00
CA LYS B 298 -14.86 45.59 0.00
C LYS B 298 -14.60 44.72 -1.22
N VAL B 299 -15.11 45.14 -2.36
CA VAL B 299 -14.99 44.37 -3.60
C VAL B 299 -14.14 45.15 -4.58
N LYS B 300 -13.11 44.49 -5.12
CA LYS B 300 -12.29 45.09 -6.16
C LYS B 300 -12.03 44.06 -7.25
N ALA B 301 -12.16 44.48 -8.52
CA ALA B 301 -11.81 43.63 -9.65
C ALA B 301 -10.36 43.87 -10.04
N VAL B 302 -9.57 42.80 -10.08
CA VAL B 302 -8.19 42.87 -10.54
C VAL B 302 -7.93 41.55 -11.25
N PRO B 303 -6.82 41.40 -11.98
CA PRO B 303 -6.53 40.11 -12.63
C PRO B 303 -6.45 38.99 -11.59
N LEU B 304 -7.10 37.87 -11.90
CA LEU B 304 -7.19 36.75 -10.97
C LEU B 304 -6.91 35.42 -11.66
N LEU B 305 -5.88 35.39 -12.51
CA LEU B 305 -5.49 34.17 -13.19
C LEU B 305 -4.08 33.79 -12.75
N MET B 306 -3.95 32.55 -12.28
CA MET B 306 -2.69 32.06 -11.74
C MET B 306 -1.87 31.42 -12.86
N THR B 307 -1.61 32.27 -13.86
CA THR B 307 -0.84 31.87 -15.03
C THR B 307 0.51 31.31 -14.64
N ASP B 308 1.20 31.97 -13.71
CA ASP B 308 2.54 31.64 -13.28
C ASP B 308 2.74 32.26 -11.92
N PRO B 309 3.75 31.84 -11.16
CA PRO B 309 3.93 32.40 -9.82
C PRO B 309 4.00 33.93 -9.82
N GLU B 310 4.48 34.53 -10.90
CA GLU B 310 4.55 35.99 -10.96
C GLU B 310 3.16 36.64 -11.02
N ALA B 311 2.27 36.11 -11.87
CA ALA B 311 0.91 36.64 -11.88
C ALA B 311 0.21 36.37 -10.55
N THR B 312 0.47 35.21 -9.96
CA THR B 312 -0.15 34.93 -8.68
C THR B 312 0.38 35.86 -7.60
N ALA B 313 1.69 36.16 -7.63
CA ALA B 313 2.27 37.15 -6.73
C ALA B 313 1.54 38.50 -6.80
N ALA B 314 1.26 38.98 -8.01
CA ALA B 314 0.46 40.20 -8.13
C ALA B 314 -0.92 40.00 -7.51
N MET B 315 -1.54 38.84 -7.74
CA MET B 315 -2.84 38.54 -7.12
C MET B 315 -2.76 38.63 -5.60
N VAL B 316 -1.71 38.05 -5.01
CA VAL B 316 -1.53 38.10 -3.56
C VAL B 316 -1.30 39.54 -3.11
N ARG B 317 -0.45 40.28 -3.83
CA ARG B 317 -0.22 41.70 -3.53
C ARG B 317 -1.52 42.49 -3.51
N ALA B 318 -2.45 42.22 -4.44
CA ALA B 318 -3.70 42.96 -4.45
C ALA B 318 -4.49 42.71 -3.17
N GLY B 319 -4.39 41.50 -2.60
CA GLY B 319 -5.16 41.22 -1.40
C GLY B 319 -4.64 41.96 -0.18
N LEU B 320 -3.32 41.98 -0.01
CA LEU B 320 -2.74 42.82 1.04
C LEU B 320 -3.16 44.27 0.85
N ASP B 321 -3.13 44.75 -0.41
CA ASP B 321 -3.52 46.13 -0.68
C ASP B 321 -4.98 46.37 -0.32
N LEU B 322 -5.84 45.41 -0.63
CA LEU B 322 -7.25 45.61 -0.30
C LEU B 322 -7.46 45.60 1.20
N ALA B 323 -6.71 44.76 1.91
CA ALA B 323 -6.78 44.70 3.36
C ALA B 323 -6.09 45.88 4.04
N GLY B 324 -5.18 46.54 3.34
CA GLY B 324 -4.40 47.58 3.98
C GLY B 324 -3.35 47.03 4.92
N VAL B 325 -2.67 45.94 4.54
CA VAL B 325 -1.64 45.31 5.35
C VAL B 325 -0.33 45.38 4.57
N SER B 326 0.76 45.68 5.27
CA SER B 326 2.10 45.67 4.69
C SER B 326 2.91 44.54 5.31
#